data_8ZTJ
#
_entry.id   8ZTJ
#
_cell.length_a   1.00
_cell.length_b   1.00
_cell.length_c   1.00
_cell.angle_alpha   90.00
_cell.angle_beta   90.00
_cell.angle_gamma   90.00
#
_symmetry.space_group_name_H-M   'P 1'
#
loop_
_entity.id
_entity.type
_entity.pdbx_description
1 polymer 'Aluminum-activated malate transporter 9'
2 non-polymer '[(2~{R})-1-octadecanoyloxy-3-[oxidanyl-[(2~{R},3~{S},5~{R},6~{R})-2,3,5,6-tetrakis(oxidanyl)-4-phosphonooxy-cyclohexyl]oxy-phosphoryl]oxy-propan-2-yl] nonadecanoate'
3 non-polymer D-MALATE
4 non-polymer 'PALMITIC ACID'
5 water water
#
_entity_poly.entity_id   1
_entity_poly.type   'polypeptide(L)'
_entity_poly.pdbx_seq_one_letter_code
;MAAKQGSFRHGILEKRERLLSNNGFSDFRFTDIESNDLLENENCGRRTRLCCCCSCGNLSEKISGVYDDAKDVARKAWEM
GVSDPRKIVFSAKIGLALTIVALLIFYQEPNPDLSRYSVWAILTVVVVFEFTIGATLSKGFNRALGTLSAGGLALGMAEL
STLFGDWEEIFCTLSIFCIGFLATFMKLYPSMKAYEYGFRVFLLTYCYILISGFRTGQFIEVAISRFLLIALGAGVSLGV
NMFIYPIWAGEDLHNLVVKNFMNVATSLEGCVNGYLRCLEYERIPSKILTYQASEDPVYKGYRSAVESTSQEESLMSFAI
WEPPHGPYKSFNYPWKNYVKLSGALKHCAFTVMALHGCILSEIQAPEERRQVFRQELQRVGVEGAKLLRELGEKVKKMEK
LGPVDLLFEVHLAAEELQHKIDKKSYLLVNSECWEIGNRATKESEPQELLSLEDSDPPENHAPPIYAFKSLSEAVLEIPP
SWGEKNHREALNHRPTFSKQVSWPARLVLPPHLETTNGASPLVETTKTYESASALSLATFASLLIEFVARLQNVVDAFKE
LSQKANFKEPEIVTTGTDVEFSGERVGLGQKIRRCFGM
;
_entity_poly.pdbx_strand_id   A,B
#
loop_
_chem_comp.id
_chem_comp.type
_chem_comp.name
_chem_comp.formula
A1L2F non-polymer '[(2~{R})-1-octadecanoyloxy-3-[oxidanyl-[(2~{R},3~{S},5~{R},6~{R})-2,3,5,6-tetrakis(oxidanyl)-4-phosphonooxy-cyclohexyl]oxy-phosphoryl]oxy-propan-2-yl] nonadecanoate' 'C46 H90 O16 P2'
MLT non-polymer D-MALATE 'C4 H6 O5'
PLM non-polymer 'PALMITIC ACID' 'C16 H32 O2'
#
# COMPACT_ATOMS: atom_id res chain seq x y z
N ALA A 77 -13.64 -20.45 -4.63
CA ALA A 77 -15.05 -20.32 -4.31
C ALA A 77 -15.44 -21.23 -3.15
N TRP A 78 -15.87 -22.44 -3.49
CA TRP A 78 -16.18 -23.42 -2.46
C TRP A 78 -14.94 -23.74 -1.62
N GLU A 79 -13.79 -23.89 -2.28
CA GLU A 79 -12.56 -24.16 -1.54
C GLU A 79 -12.19 -23.02 -0.62
N MET A 80 -12.29 -21.77 -1.11
CA MET A 80 -11.95 -20.63 -0.28
C MET A 80 -12.90 -20.49 0.91
N GLY A 81 -14.19 -20.76 0.69
CA GLY A 81 -15.13 -20.74 1.80
C GLY A 81 -14.86 -21.86 2.80
N VAL A 82 -14.45 -23.03 2.31
CA VAL A 82 -14.16 -24.14 3.21
C VAL A 82 -12.93 -23.83 4.07
N SER A 83 -11.89 -23.27 3.47
CA SER A 83 -10.67 -22.96 4.21
C SER A 83 -10.94 -21.92 5.30
N ASP A 84 -11.67 -20.86 4.96
CA ASP A 84 -11.99 -19.79 5.90
C ASP A 84 -13.50 -19.64 6.02
N PRO A 85 -14.12 -20.17 7.07
CA PRO A 85 -15.56 -19.99 7.27
C PRO A 85 -15.95 -18.68 7.94
N ARG A 86 -15.02 -17.74 8.13
CA ARG A 86 -15.39 -16.41 8.59
C ARG A 86 -16.06 -15.60 7.48
N LYS A 87 -15.74 -15.89 6.22
CA LYS A 87 -16.24 -15.11 5.11
C LYS A 87 -17.61 -15.57 4.63
N ILE A 88 -18.13 -16.67 5.15
CA ILE A 88 -19.47 -17.13 4.79
C ILE A 88 -20.53 -16.71 5.81
N VAL A 89 -20.12 -16.32 7.03
CA VAL A 89 -21.07 -15.77 7.99
C VAL A 89 -21.29 -14.28 7.75
N PHE A 90 -20.26 -13.55 7.29
CA PHE A 90 -20.39 -12.12 7.05
C PHE A 90 -21.39 -11.83 5.93
N SER A 91 -21.31 -12.59 4.83
CA SER A 91 -22.24 -12.38 3.72
C SER A 91 -23.67 -12.66 4.13
N ALA A 92 -23.87 -13.74 4.91
CA ALA A 92 -25.21 -14.06 5.40
C ALA A 92 -25.73 -12.98 6.35
N LYS A 93 -24.85 -12.41 7.18
CA LYS A 93 -25.28 -11.32 8.06
C LYS A 93 -25.70 -10.09 7.26
N ILE A 94 -24.94 -9.75 6.22
CA ILE A 94 -25.30 -8.62 5.38
C ILE A 94 -26.65 -8.87 4.70
N GLY A 95 -26.84 -10.08 4.17
CA GLY A 95 -28.12 -10.44 3.58
C GLY A 95 -29.26 -10.36 4.58
N LEU A 96 -29.00 -10.75 5.83
CA LEU A 96 -30.03 -10.70 6.85
C LEU A 96 -30.43 -9.26 7.16
N ALA A 97 -29.46 -8.36 7.28
CA ALA A 97 -29.79 -6.97 7.52
C ALA A 97 -30.57 -6.37 6.36
N LEU A 98 -30.15 -6.68 5.13
CA LEU A 98 -30.89 -6.20 3.96
C LEU A 98 -32.31 -6.73 3.96
N THR A 99 -32.49 -8.01 4.29
CA THR A 99 -33.84 -8.59 4.33
C THR A 99 -34.70 -7.89 5.38
N ILE A 100 -34.12 -7.62 6.56
CA ILE A 100 -34.88 -6.95 7.61
C ILE A 100 -35.37 -5.59 7.12
N VAL A 101 -34.46 -4.79 6.55
CA VAL A 101 -34.86 -3.46 6.10
C VAL A 101 -35.88 -3.55 4.98
N ALA A 102 -35.71 -4.51 4.06
CA ALA A 102 -36.65 -4.67 2.96
C ALA A 102 -38.04 -5.01 3.47
N LEU A 103 -38.14 -5.92 4.44
CA LEU A 103 -39.43 -6.24 5.03
C LEU A 103 -40.04 -5.01 5.71
N LEU A 104 -39.23 -4.27 6.48
CA LEU A 104 -39.75 -3.09 7.15
C LEU A 104 -40.25 -2.04 6.15
N ILE A 105 -39.68 -2.01 4.95
CA ILE A 105 -40.16 -1.08 3.93
C ILE A 105 -41.43 -1.60 3.27
N PHE A 106 -41.46 -2.89 2.91
CA PHE A 106 -42.60 -3.43 2.18
C PHE A 106 -43.87 -3.47 3.04
N TYR A 107 -43.75 -3.89 4.29
CA TYR A 107 -44.91 -3.98 5.19
C TYR A 107 -44.89 -2.77 6.13
N GLN A 108 -45.47 -1.68 5.66
CA GLN A 108 -45.54 -0.44 6.43
C GLN A 108 -46.89 0.22 6.20
N GLU A 109 -47.26 1.09 7.13
CA GLU A 109 -48.49 1.84 6.98
C GLU A 109 -48.43 2.69 5.70
N PRO A 110 -49.53 2.81 4.97
CA PRO A 110 -49.48 3.55 3.70
C PRO A 110 -49.38 5.05 3.90
N ASN A 111 -48.22 5.52 4.34
CA ASN A 111 -47.98 6.95 4.49
C ASN A 111 -47.45 7.50 3.17
N PRO A 112 -48.19 8.37 2.47
CA PRO A 112 -47.80 8.77 1.11
C PRO A 112 -46.44 9.44 1.02
N ASP A 113 -46.04 10.19 2.05
CA ASP A 113 -44.86 11.06 1.93
C ASP A 113 -43.57 10.26 1.82
N LEU A 114 -43.36 9.30 2.72
CA LEU A 114 -42.03 8.69 2.84
C LEU A 114 -41.73 7.72 1.72
N SER A 115 -42.75 7.12 1.10
CA SER A 115 -42.51 6.14 0.04
C SER A 115 -41.68 6.71 -1.10
N ARG A 116 -41.52 8.03 -1.18
CA ARG A 116 -40.68 8.65 -2.20
C ARG A 116 -39.23 8.78 -1.78
N TYR A 117 -38.91 8.53 -0.51
CA TYR A 117 -37.51 8.52 -0.08
C TYR A 117 -37.22 7.45 0.97
N SER A 118 -38.01 6.38 1.00
CA SER A 118 -37.73 5.31 1.95
C SER A 118 -36.65 4.35 1.47
N VAL A 119 -36.15 4.52 0.24
CA VAL A 119 -35.06 3.70 -0.27
C VAL A 119 -33.70 4.07 0.31
N TRP A 120 -33.65 5.08 1.19
CA TRP A 120 -32.39 5.52 1.75
C TRP A 120 -31.84 4.60 2.84
N ALA A 121 -32.73 3.95 3.60
CA ALA A 121 -32.27 3.08 4.68
C ALA A 121 -31.52 1.86 4.16
N ILE A 122 -31.88 1.36 2.98
CA ILE A 122 -31.17 0.20 2.46
C ILE A 122 -29.88 0.60 1.77
N LEU A 123 -29.78 1.83 1.28
CA LEU A 123 -28.50 2.26 0.75
C LEU A 123 -27.53 2.56 1.88
N THR A 124 -28.04 3.09 3.00
CA THR A 124 -27.19 3.26 4.18
C THR A 124 -26.72 1.90 4.68
N VAL A 125 -27.61 0.91 4.70
CA VAL A 125 -27.23 -0.45 5.10
C VAL A 125 -26.08 -0.95 4.22
N VAL A 126 -26.21 -0.76 2.90
CA VAL A 126 -25.16 -1.24 2.00
C VAL A 126 -23.86 -0.47 2.21
N VAL A 127 -23.95 0.82 2.50
CA VAL A 127 -22.75 1.66 2.55
C VAL A 127 -21.99 1.63 3.87
N VAL A 128 -22.62 1.24 4.98
CA VAL A 128 -21.95 1.38 6.27
C VAL A 128 -21.66 0.02 6.94
N PHE A 129 -21.72 -1.09 6.21
CA PHE A 129 -21.45 -2.39 6.78
C PHE A 129 -20.00 -2.79 6.48
N GLU A 130 -19.20 -2.92 7.54
CA GLU A 130 -17.77 -3.19 7.43
C GLU A 130 -17.39 -4.47 8.16
N PHE A 131 -16.17 -4.94 7.85
CA PHE A 131 -15.71 -6.25 8.32
C PHE A 131 -15.59 -6.30 9.84
N THR A 132 -15.05 -5.25 10.45
CA THR A 132 -14.81 -5.23 11.89
C THR A 132 -15.68 -4.18 12.59
N ILE A 133 -15.81 -4.35 13.91
CA ILE A 133 -16.54 -3.38 14.72
C ILE A 133 -15.82 -2.03 14.75
N GLY A 134 -14.50 -2.05 14.96
CA GLY A 134 -13.77 -0.79 15.08
C GLY A 134 -13.79 0.04 13.83
N ALA A 135 -13.64 -0.60 12.67
CA ALA A 135 -13.72 0.12 11.41
C ALA A 135 -15.11 0.70 11.22
N THR A 136 -16.14 -0.09 11.52
CA THR A 136 -17.51 0.39 11.41
C THR A 136 -17.72 1.65 12.23
N LEU A 137 -17.33 1.61 13.51
CA LEU A 137 -17.53 2.77 14.37
C LEU A 137 -16.74 3.98 13.88
N SER A 138 -15.45 3.80 13.56
CA SER A 138 -14.62 4.95 13.22
C SER A 138 -15.07 5.59 11.90
N LYS A 139 -15.42 4.77 10.91
CA LYS A 139 -15.83 5.34 9.64
C LYS A 139 -17.24 5.90 9.70
N GLY A 140 -18.12 5.31 10.50
CA GLY A 140 -19.42 5.94 10.69
C GLY A 140 -19.30 7.28 11.37
N PHE A 141 -18.38 7.41 12.33
CA PHE A 141 -18.15 8.70 12.97
C PHE A 141 -17.67 9.74 11.96
N ASN A 142 -16.71 9.36 11.11
CA ASN A 142 -16.21 10.33 10.13
C ASN A 142 -17.30 10.71 9.13
N ARG A 143 -18.09 9.74 8.66
CA ARG A 143 -19.16 10.04 7.72
C ARG A 143 -20.22 10.94 8.35
N ALA A 144 -20.56 10.70 9.62
CA ALA A 144 -21.52 11.56 10.29
C ALA A 144 -20.99 12.99 10.42
N LEU A 145 -19.71 13.14 10.78
CA LEU A 145 -19.12 14.46 10.83
C LEU A 145 -19.27 15.18 9.49
N GLY A 146 -18.89 14.51 8.41
CA GLY A 146 -18.97 15.13 7.09
C GLY A 146 -20.39 15.53 6.72
N THR A 147 -21.34 14.61 6.92
CA THR A 147 -22.74 14.89 6.59
C THR A 147 -23.26 16.08 7.37
N LEU A 148 -23.02 16.10 8.69
CA LEU A 148 -23.61 17.15 9.51
C LEU A 148 -23.00 18.51 9.18
N SER A 149 -21.68 18.56 8.98
CA SER A 149 -21.06 19.84 8.64
C SER A 149 -21.55 20.34 7.29
N ALA A 150 -21.66 19.45 6.30
CA ALA A 150 -22.14 19.88 4.99
C ALA A 150 -23.59 20.38 5.08
N GLY A 151 -24.42 19.69 5.86
CA GLY A 151 -25.80 20.15 6.01
C GLY A 151 -25.90 21.52 6.66
N GLY A 152 -25.11 21.74 7.72
CA GLY A 152 -25.09 23.04 8.34
C GLY A 152 -24.67 24.14 7.38
N LEU A 153 -23.60 23.90 6.63
CA LEU A 153 -23.16 24.91 5.67
C LEU A 153 -24.21 25.19 4.61
N ALA A 154 -24.84 24.14 4.08
CA ALA A 154 -25.84 24.33 3.04
C ALA A 154 -27.02 25.13 3.56
N LEU A 155 -27.50 24.81 4.77
CA LEU A 155 -28.60 25.57 5.34
C LEU A 155 -28.23 27.03 5.54
N GLY A 156 -27.03 27.28 6.07
CA GLY A 156 -26.60 28.66 6.26
C GLY A 156 -26.56 29.45 4.97
N MET A 157 -25.95 28.86 3.93
CA MET A 157 -25.85 29.56 2.66
C MET A 157 -27.22 29.78 2.03
N ALA A 158 -28.11 28.79 2.11
CA ALA A 158 -29.45 28.97 1.55
C ALA A 158 -30.20 30.07 2.29
N GLU A 159 -30.04 30.16 3.60
CA GLU A 159 -30.65 31.27 4.33
C GLU A 159 -30.06 32.60 3.90
N LEU A 160 -28.74 32.66 3.71
CA LEU A 160 -28.10 33.91 3.32
C LEU A 160 -28.50 34.37 1.93
N SER A 161 -28.74 33.43 1.01
CA SER A 161 -28.93 33.81 -0.38
C SER A 161 -30.14 34.69 -0.62
N THR A 162 -31.13 34.68 0.30
CA THR A 162 -32.37 35.41 0.06
C THR A 162 -32.13 36.91 -0.08
N LEU A 163 -31.08 37.44 0.57
CA LEU A 163 -30.80 38.87 0.48
C LEU A 163 -30.67 39.33 -0.97
N PHE A 164 -29.96 38.57 -1.80
CA PHE A 164 -29.79 38.91 -3.21
C PHE A 164 -31.01 38.43 -4.00
N GLY A 165 -32.11 39.16 -3.84
CA GLY A 165 -33.36 38.75 -4.46
C GLY A 165 -33.27 38.64 -5.96
N ASP A 166 -32.61 39.59 -6.62
CA ASP A 166 -32.51 39.57 -8.06
C ASP A 166 -31.65 38.42 -8.56
N TRP A 167 -30.57 38.12 -7.86
CA TRP A 167 -29.64 37.07 -8.26
C TRP A 167 -29.51 36.05 -7.13
N GLU A 168 -30.42 35.07 -7.12
CA GLU A 168 -30.36 33.99 -6.15
C GLU A 168 -29.63 32.76 -6.70
N GLU A 169 -30.02 32.30 -7.89
CA GLU A 169 -29.34 31.17 -8.50
C GLU A 169 -27.89 31.49 -8.87
N ILE A 170 -27.60 32.74 -9.23
CA ILE A 170 -26.22 33.13 -9.49
C ILE A 170 -25.39 32.97 -8.22
N PHE A 171 -25.94 33.39 -7.08
CA PHE A 171 -25.26 33.24 -5.81
C PHE A 171 -25.08 31.77 -5.46
N CYS A 172 -26.09 30.95 -5.69
CA CYS A 172 -25.97 29.53 -5.40
C CYS A 172 -24.87 28.88 -6.24
N THR A 173 -24.81 29.18 -7.54
CA THR A 173 -23.78 28.57 -8.39
C THR A 173 -22.39 29.11 -8.07
N LEU A 174 -22.30 30.35 -7.58
CA LEU A 174 -21.00 30.86 -7.17
C LEU A 174 -20.57 30.27 -5.83
N SER A 175 -21.52 29.87 -4.98
CA SER A 175 -21.13 29.18 -3.77
C SER A 175 -20.72 27.75 -4.09
N ILE A 176 -21.41 27.12 -5.04
CA ILE A 176 -21.08 25.75 -5.42
C ILE A 176 -19.66 25.68 -5.98
N PHE A 177 -19.29 26.65 -6.82
CA PHE A 177 -17.95 26.65 -7.40
C PHE A 177 -16.88 26.73 -6.30
N CYS A 178 -17.05 27.66 -5.37
CA CYS A 178 -16.05 27.87 -4.32
C CYS A 178 -15.96 26.67 -3.39
N ILE A 179 -17.11 26.11 -2.99
CA ILE A 179 -17.08 24.96 -2.10
C ILE A 179 -16.45 23.76 -2.79
N GLY A 180 -16.74 23.56 -4.07
CA GLY A 180 -16.11 22.45 -4.78
C GLY A 180 -14.61 22.62 -4.92
N PHE A 181 -14.15 23.84 -5.18
CA PHE A 181 -12.72 24.10 -5.23
C PHE A 181 -12.07 23.82 -3.89
N LEU A 182 -12.66 24.31 -2.80
CA LEU A 182 -12.02 24.17 -1.49
C LEU A 182 -12.01 22.71 -1.06
N ALA A 183 -13.13 22.01 -1.23
CA ALA A 183 -13.22 20.62 -0.79
C ALA A 183 -12.31 19.72 -1.64
N THR A 184 -12.09 20.05 -2.91
CA THR A 184 -11.17 19.26 -3.71
C THR A 184 -9.71 19.58 -3.41
N PHE A 185 -9.40 20.84 -3.04
CA PHE A 185 -8.03 21.17 -2.69
C PHE A 185 -7.63 20.59 -1.34
N MET A 186 -8.53 20.62 -0.36
CA MET A 186 -8.16 20.16 0.98
C MET A 186 -7.97 18.66 1.08
N LYS A 187 -8.47 17.89 0.11
CA LYS A 187 -8.32 16.44 0.12
C LYS A 187 -7.07 15.95 -0.60
N LEU A 188 -6.38 16.82 -1.32
CA LEU A 188 -5.12 16.46 -1.98
C LEU A 188 -3.91 16.62 -1.08
N TYR A 189 -4.09 17.11 0.14
CA TYR A 189 -3.00 17.12 1.11
C TYR A 189 -2.54 15.68 1.38
N PRO A 190 -1.24 15.39 1.27
CA PRO A 190 -0.78 14.00 1.41
C PRO A 190 -1.12 13.37 2.76
N SER A 191 -1.25 14.17 3.81
CA SER A 191 -1.53 13.64 5.13
C SER A 191 -2.99 13.30 5.35
N MET A 192 -3.86 13.57 4.37
CA MET A 192 -5.27 13.21 4.44
C MET A 192 -5.65 12.14 3.42
N LYS A 193 -4.68 11.29 3.05
CA LYS A 193 -4.93 10.29 2.02
C LYS A 193 -5.82 9.15 2.51
N ALA A 194 -5.91 8.93 3.81
CA ALA A 194 -6.69 7.84 4.37
C ALA A 194 -8.10 8.25 4.76
N TYR A 195 -8.50 9.49 4.47
CA TYR A 195 -9.83 9.99 4.79
C TYR A 195 -10.57 10.48 3.55
N GLU A 196 -10.27 9.90 2.39
CA GLU A 196 -10.89 10.34 1.15
C GLU A 196 -12.36 9.98 1.08
N TYR A 197 -12.81 9.01 1.88
CA TYR A 197 -14.23 8.64 1.91
C TYR A 197 -15.09 9.66 2.63
N GLY A 198 -14.50 10.48 3.50
CA GLY A 198 -15.26 11.47 4.25
C GLY A 198 -15.35 12.81 3.55
N PHE A 199 -14.47 13.05 2.58
CA PHE A 199 -14.55 14.26 1.76
C PHE A 199 -15.55 14.13 0.62
N ARG A 200 -15.91 12.90 0.22
CA ARG A 200 -16.94 12.71 -0.80
C ARG A 200 -18.33 13.00 -0.27
N VAL A 201 -18.63 12.54 0.95
CA VAL A 201 -19.95 12.74 1.53
C VAL A 201 -20.20 14.23 1.77
N PHE A 202 -19.16 14.99 2.11
CA PHE A 202 -19.33 16.43 2.32
C PHE A 202 -19.84 17.11 1.06
N LEU A 203 -19.16 16.89 -0.07
CA LEU A 203 -19.57 17.50 -1.33
C LEU A 203 -20.92 16.98 -1.80
N LEU A 204 -21.15 15.68 -1.69
CA LEU A 204 -22.45 15.13 -2.09
C LEU A 204 -23.58 15.76 -1.29
N THR A 205 -23.42 15.86 0.03
CA THR A 205 -24.47 16.41 0.87
C THR A 205 -24.71 17.88 0.57
N TYR A 206 -23.63 18.66 0.44
CA TYR A 206 -23.79 20.07 0.14
C TYR A 206 -24.55 20.26 -1.17
N CYS A 207 -24.10 19.58 -2.24
CA CYS A 207 -24.71 19.78 -3.54
C CYS A 207 -26.17 19.32 -3.55
N TYR A 208 -26.44 18.13 -3.00
CA TYR A 208 -27.81 17.62 -2.96
C TYR A 208 -28.73 18.58 -2.21
N ILE A 209 -28.33 19.02 -1.01
CA ILE A 209 -29.22 19.85 -0.22
C ILE A 209 -29.42 21.21 -0.88
N LEU A 210 -28.37 21.77 -1.48
CA LEU A 210 -28.53 23.06 -2.14
C LEU A 210 -29.45 22.96 -3.35
N ILE A 211 -29.30 21.93 -4.16
CA ILE A 211 -30.09 21.87 -5.40
C ILE A 211 -31.52 21.39 -5.15
N SER A 212 -31.74 20.55 -4.14
CA SER A 212 -33.06 19.98 -3.93
C SER A 212 -34.02 20.92 -3.21
N GLY A 213 -33.52 21.99 -2.59
CA GLY A 213 -34.40 22.89 -1.87
C GLY A 213 -34.66 24.20 -2.58
N PHE A 214 -34.05 24.39 -3.75
CA PHE A 214 -34.19 25.66 -4.45
C PHE A 214 -35.64 25.97 -4.78
N ARG A 215 -36.37 24.96 -5.29
CA ARG A 215 -37.77 25.16 -5.64
C ARG A 215 -38.65 25.01 -4.40
N THR A 216 -39.54 25.98 -4.19
CA THR A 216 -40.56 25.91 -3.15
C THR A 216 -39.96 25.89 -1.75
N GLY A 217 -38.82 26.55 -1.56
CA GLY A 217 -38.15 26.49 -0.28
C GLY A 217 -37.91 25.06 0.15
N GLN A 218 -38.37 24.71 1.35
CA GLN A 218 -38.25 23.35 1.87
C GLN A 218 -36.80 22.92 1.98
N PHE A 219 -36.04 23.65 2.80
CA PHE A 219 -34.66 23.31 3.09
C PHE A 219 -34.47 22.51 4.37
N ILE A 220 -35.31 22.76 5.39
CA ILE A 220 -35.09 22.16 6.70
C ILE A 220 -35.83 20.84 6.89
N GLU A 221 -36.81 20.53 6.05
CA GLU A 221 -37.49 19.24 6.07
C GLU A 221 -36.95 18.25 5.05
N VAL A 222 -36.12 18.71 4.12
CA VAL A 222 -35.41 17.82 3.21
C VAL A 222 -34.12 17.34 3.87
N ALA A 223 -33.96 17.62 5.16
CA ALA A 223 -32.80 17.14 5.89
C ALA A 223 -33.16 16.22 7.05
N ILE A 224 -34.10 16.61 7.91
CA ILE A 224 -34.49 15.75 9.04
C ILE A 224 -35.09 14.44 8.53
N SER A 225 -35.95 14.52 7.51
CA SER A 225 -36.61 13.33 7.00
C SER A 225 -35.60 12.35 6.43
N ARG A 226 -34.60 12.83 5.70
CA ARG A 226 -33.64 11.94 5.09
C ARG A 226 -32.50 11.56 6.03
N PHE A 227 -32.38 12.25 7.17
CA PHE A 227 -31.40 11.86 8.17
C PHE A 227 -31.95 10.80 9.12
N LEU A 228 -33.27 10.76 9.32
CA LEU A 228 -33.84 9.75 10.21
C LEU A 228 -33.79 8.36 9.59
N LEU A 229 -33.99 8.26 8.27
CA LEU A 229 -33.83 6.98 7.59
C LEU A 229 -32.39 6.48 7.66
N ILE A 230 -31.43 7.39 7.49
CA ILE A 230 -30.02 7.03 7.63
C ILE A 230 -29.74 6.53 9.04
N ALA A 231 -30.28 7.22 10.05
CA ALA A 231 -30.10 6.76 11.42
C ALA A 231 -30.67 5.36 11.62
N LEU A 232 -31.85 5.09 11.06
CA LEU A 232 -32.46 3.77 11.20
C LEU A 232 -31.60 2.69 10.55
N GLY A 233 -31.14 2.94 9.32
CA GLY A 233 -30.29 1.97 8.65
C GLY A 233 -28.98 1.72 9.38
N ALA A 234 -28.36 2.79 9.89
CA ALA A 234 -27.13 2.62 10.67
C ALA A 234 -27.36 1.83 11.94
N GLY A 235 -28.48 2.08 12.63
CA GLY A 235 -28.79 1.31 13.82
C GLY A 235 -28.98 -0.16 13.55
N VAL A 236 -29.70 -0.48 12.46
CA VAL A 236 -29.89 -1.88 12.12
C VAL A 236 -28.56 -2.55 11.78
N SER A 237 -27.74 -1.87 10.98
CA SER A 237 -26.44 -2.42 10.62
C SER A 237 -25.59 -2.67 11.85
N LEU A 238 -25.54 -1.69 12.77
CA LEU A 238 -24.73 -1.83 13.97
C LEU A 238 -25.20 -2.98 14.84
N GLY A 239 -26.52 -3.10 15.03
CA GLY A 239 -27.02 -4.19 15.85
C GLY A 239 -26.69 -5.55 15.27
N VAL A 240 -26.96 -5.73 13.98
CA VAL A 240 -26.69 -7.02 13.35
C VAL A 240 -25.20 -7.34 13.39
N ASN A 241 -24.35 -6.34 13.12
CA ASN A 241 -22.91 -6.60 13.11
C ASN A 241 -22.40 -6.95 14.50
N MET A 242 -22.84 -6.23 15.52
CA MET A 242 -22.25 -6.34 16.84
C MET A 242 -22.82 -7.46 17.69
N PHE A 243 -24.01 -7.97 17.39
CA PHE A 243 -24.61 -8.96 18.28
C PHE A 243 -24.61 -10.38 17.72
N ILE A 244 -23.96 -10.61 16.58
CA ILE A 244 -23.98 -11.93 15.93
C ILE A 244 -22.58 -12.23 15.43
N TYR A 245 -21.88 -13.15 16.10
CA TYR A 245 -20.54 -13.62 15.73
C TYR A 245 -19.64 -12.49 15.25
N PRO A 246 -19.36 -11.50 16.10
CA PRO A 246 -18.53 -10.37 15.66
C PRO A 246 -17.07 -10.76 15.45
N ILE A 247 -16.41 -9.99 14.59
CA ILE A 247 -14.97 -10.10 14.35
C ILE A 247 -14.29 -8.88 14.94
N TRP A 248 -13.27 -9.12 15.77
CA TRP A 248 -12.51 -8.05 16.41
C TRP A 248 -11.17 -7.85 15.71
N ALA A 249 -10.65 -6.63 15.79
CA ALA A 249 -9.39 -6.27 15.17
C ALA A 249 -8.18 -6.40 16.09
N GLY A 250 -8.40 -6.40 17.41
CA GLY A 250 -7.30 -6.63 18.32
C GLY A 250 -6.86 -8.07 18.37
N GLU A 251 -7.80 -9.00 18.21
CA GLU A 251 -7.42 -10.39 18.07
C GLU A 251 -6.74 -10.66 16.73
N ASP A 252 -6.94 -9.76 15.76
CA ASP A 252 -6.27 -9.90 14.48
C ASP A 252 -4.83 -9.40 14.56
N LEU A 253 -4.61 -8.29 15.27
CA LEU A 253 -3.24 -7.87 15.53
C LEU A 253 -2.50 -8.88 16.40
N HIS A 254 -3.19 -9.41 17.41
CA HIS A 254 -2.60 -10.43 18.29
C HIS A 254 -2.17 -11.67 17.50
N ASN A 255 -2.98 -12.08 16.51
CA ASN A 255 -2.59 -13.25 15.72
C ASN A 255 -1.51 -12.91 14.69
N LEU A 256 -1.52 -11.69 14.15
CA LEU A 256 -0.52 -11.29 13.17
C LEU A 256 0.87 -11.28 13.77
N VAL A 257 1.01 -10.81 15.01
CA VAL A 257 2.33 -10.83 15.65
C VAL A 257 2.89 -12.26 15.71
N VAL A 258 2.06 -13.21 16.14
CA VAL A 258 2.51 -14.60 16.26
C VAL A 258 2.89 -15.16 14.89
N LYS A 259 2.12 -14.80 13.86
CA LYS A 259 2.45 -15.30 12.53
C LYS A 259 3.79 -14.77 12.07
N ASN A 260 4.06 -13.48 12.31
CA ASN A 260 5.36 -12.94 11.90
C ASN A 260 6.48 -13.65 12.65
N PHE A 261 6.27 -13.90 13.96
CA PHE A 261 7.30 -14.53 14.76
C PHE A 261 7.64 -15.93 14.25
N MET A 262 6.68 -16.61 13.63
CA MET A 262 6.99 -17.93 13.09
C MET A 262 7.60 -17.86 11.68
N ASN A 263 7.10 -16.92 10.87
CA ASN A 263 7.63 -16.73 9.52
C ASN A 263 9.12 -16.41 9.54
N VAL A 264 9.55 -15.55 10.47
CA VAL A 264 10.96 -15.14 10.48
C VAL A 264 11.86 -16.34 10.78
N ALA A 265 11.45 -17.20 11.72
CA ALA A 265 12.26 -18.38 12.02
C ALA A 265 12.32 -19.34 10.85
N THR A 266 11.18 -19.55 10.17
CA THR A 266 11.20 -20.39 8.98
C THR A 266 12.15 -19.82 7.93
N SER A 267 12.13 -18.50 7.73
CA SER A 267 13.01 -17.87 6.74
C SER A 267 14.47 -18.08 7.12
N LEU A 268 14.82 -17.89 8.38
CA LEU A 268 16.22 -18.06 8.79
C LEU A 268 16.70 -19.48 8.52
N GLU A 269 15.90 -20.48 8.93
CA GLU A 269 16.30 -21.86 8.68
C GLU A 269 16.46 -22.13 7.18
N GLY A 270 15.51 -21.64 6.38
CA GLY A 270 15.60 -21.85 4.95
C GLY A 270 16.84 -21.24 4.34
N CYS A 271 17.18 -20.02 4.76
CA CYS A 271 18.36 -19.35 4.21
C CYS A 271 19.63 -20.11 4.56
N VAL A 272 19.78 -20.51 5.83
CA VAL A 272 21.00 -21.22 6.20
C VAL A 272 21.11 -22.54 5.44
N ASN A 273 20.01 -23.30 5.36
CA ASN A 273 20.04 -24.57 4.64
C ASN A 273 20.35 -24.35 3.17
N GLY A 274 19.79 -23.31 2.56
CA GLY A 274 20.05 -23.07 1.15
C GLY A 274 21.49 -22.70 0.89
N TYR A 275 22.08 -21.87 1.76
CA TYR A 275 23.49 -21.54 1.58
C TYR A 275 24.37 -22.78 1.71
N LEU A 276 24.07 -23.65 2.69
CA LEU A 276 24.92 -24.82 2.88
C LEU A 276 24.61 -25.95 1.91
N ARG A 277 23.66 -25.78 1.00
CA ARG A 277 23.30 -26.85 0.08
C ARG A 277 24.47 -27.23 -0.81
N CYS A 278 24.57 -28.52 -1.10
CA CYS A 278 25.63 -29.02 -1.98
C CYS A 278 25.33 -28.70 -3.44
N VAL A 298 11.49 -18.75 2.80
CA VAL A 298 12.80 -18.17 2.54
C VAL A 298 12.65 -16.71 2.12
N TYR A 299 11.57 -16.42 1.42
CA TYR A 299 11.26 -15.08 0.94
C TYR A 299 9.98 -14.53 1.55
N LYS A 300 8.91 -15.32 1.57
CA LYS A 300 7.64 -14.85 2.10
C LYS A 300 7.75 -14.46 3.56
N GLY A 301 8.54 -15.21 4.34
CA GLY A 301 8.68 -14.93 5.75
C GLY A 301 9.14 -13.51 6.04
N TYR A 302 10.39 -13.20 5.65
CA TYR A 302 10.92 -11.88 5.93
C TYR A 302 10.20 -10.80 5.11
N ARG A 303 9.66 -11.14 3.94
CA ARG A 303 8.90 -10.15 3.21
C ARG A 303 7.66 -9.72 3.97
N SER A 304 6.94 -10.67 4.56
CA SER A 304 5.75 -10.34 5.35
C SER A 304 6.14 -9.68 6.67
N ALA A 305 7.29 -10.06 7.23
CA ALA A 305 7.74 -9.43 8.47
C ALA A 305 8.27 -8.02 8.25
N VAL A 306 8.57 -7.63 7.01
CA VAL A 306 9.10 -6.29 6.72
C VAL A 306 8.12 -5.42 5.95
N GLU A 307 6.95 -5.96 5.56
CA GLU A 307 6.00 -5.20 4.75
C GLU A 307 4.62 -5.09 5.39
N SER A 308 4.51 -5.29 6.71
CA SER A 308 3.20 -5.25 7.37
C SER A 308 3.07 -4.12 8.39
N THR A 309 3.91 -3.10 8.33
CA THR A 309 3.83 -2.02 9.31
C THR A 309 2.52 -1.25 9.18
N SER A 310 2.07 -1.03 7.95
CA SER A 310 0.84 -0.27 7.75
C SER A 310 -0.38 -1.10 8.13
N GLN A 311 -0.33 -2.41 7.88
CA GLN A 311 -1.46 -3.24 8.28
C GLN A 311 -1.62 -3.25 9.79
N GLU A 312 -0.51 -3.36 10.52
CA GLU A 312 -0.57 -3.35 11.97
C GLU A 312 -0.86 -1.96 12.53
N GLU A 313 -0.70 -0.92 11.71
CA GLU A 313 -1.08 0.39 12.21
C GLU A 313 -2.54 0.70 11.94
N SER A 314 -3.07 0.24 10.82
CA SER A 314 -4.51 0.34 10.60
C SER A 314 -5.25 -0.52 11.63
N LEU A 315 -4.74 -1.73 11.90
CA LEU A 315 -5.36 -2.57 12.91
C LEU A 315 -5.28 -1.94 14.30
N MET A 316 -4.17 -1.26 14.62
CA MET A 316 -4.10 -0.59 15.91
C MET A 316 -5.04 0.62 15.97
N SER A 317 -5.27 1.29 14.83
CA SER A 317 -6.23 2.38 14.79
C SER A 317 -7.68 1.91 14.85
N PHE A 318 -7.95 0.67 14.47
CA PHE A 318 -9.29 0.12 14.61
C PHE A 318 -9.56 -0.48 15.99
N ALA A 319 -8.52 -0.92 16.70
CA ALA A 319 -8.70 -1.66 17.94
C ALA A 319 -8.93 -0.78 19.15
N ILE A 320 -8.74 0.54 19.03
CA ILE A 320 -8.95 1.44 20.17
C ILE A 320 -10.40 1.87 20.34
N TRP A 321 -11.25 1.63 19.35
CA TRP A 321 -12.67 1.96 19.45
C TRP A 321 -13.49 0.87 20.13
N GLU A 322 -12.96 -0.35 20.22
CA GLU A 322 -13.71 -1.52 20.66
C GLU A 322 -13.72 -1.61 22.18
N PRO A 323 -14.83 -2.02 22.78
CA PRO A 323 -14.92 -2.12 24.24
C PRO A 323 -14.19 -3.34 24.75
N PRO A 324 -14.00 -3.45 26.07
CA PRO A 324 -13.36 -4.65 26.62
C PRO A 324 -14.15 -5.91 26.30
N HIS A 325 -13.43 -6.99 26.09
CA HIS A 325 -14.04 -8.30 25.83
C HIS A 325 -12.98 -9.37 26.00
N GLY A 326 -13.43 -10.56 26.41
CA GLY A 326 -12.59 -11.73 26.49
C GLY A 326 -11.39 -11.55 27.40
N PRO A 327 -10.21 -12.00 26.94
CA PRO A 327 -9.01 -11.85 27.78
C PRO A 327 -8.58 -10.40 27.98
N TYR A 328 -8.93 -9.52 27.04
CA TYR A 328 -8.47 -8.12 27.08
C TYR A 328 -9.46 -7.32 27.94
N LYS A 329 -9.35 -7.51 29.25
CA LYS A 329 -10.22 -6.83 30.21
C LYS A 329 -9.46 -5.64 30.78
N SER A 330 -9.67 -4.48 30.16
CA SER A 330 -9.10 -3.23 30.67
C SER A 330 -9.60 -2.05 29.83
N PHE A 331 -9.65 -0.86 30.42
CA PHE A 331 -10.22 0.28 29.72
C PHE A 331 -9.27 0.80 28.64
N ASN A 332 -7.96 0.82 28.92
CA ASN A 332 -6.96 1.24 27.95
C ASN A 332 -5.94 0.11 27.81
N TYR A 333 -6.24 -0.85 26.96
CA TYR A 333 -5.30 -1.94 26.69
C TYR A 333 -4.10 -1.40 25.90
N PRO A 334 -2.87 -1.70 26.32
CA PRO A 334 -1.69 -1.19 25.61
C PRO A 334 -1.46 -1.88 24.27
N TRP A 335 -2.25 -1.50 23.25
CA TRP A 335 -2.09 -2.09 21.92
C TRP A 335 -0.79 -1.67 21.24
N LYS A 336 -0.14 -0.61 21.72
CA LYS A 336 1.06 -0.08 21.07
C LYS A 336 2.30 -0.91 21.34
N ASN A 337 2.38 -1.58 22.50
CA ASN A 337 3.54 -2.41 22.77
C ASN A 337 3.65 -3.58 21.79
N TYR A 338 2.53 -4.05 21.26
CA TYR A 338 2.57 -5.02 20.17
C TYR A 338 3.31 -4.47 18.96
N VAL A 339 3.03 -3.21 18.61
CA VAL A 339 3.70 -2.60 17.46
C VAL A 339 5.19 -2.39 17.76
N LYS A 340 5.51 -2.04 19.00
CA LYS A 340 6.92 -1.89 19.37
C LYS A 340 7.67 -3.21 19.23
N LEU A 341 7.06 -4.31 19.67
CA LEU A 341 7.66 -5.63 19.49
C LEU A 341 7.80 -5.97 18.01
N SER A 342 6.78 -5.66 17.21
CA SER A 342 6.86 -5.94 15.78
C SER A 342 8.03 -5.19 15.13
N GLY A 343 8.23 -3.93 15.51
CA GLY A 343 9.35 -3.18 14.97
C GLY A 343 10.70 -3.75 15.40
N ALA A 344 10.80 -4.15 16.67
CA ALA A 344 12.02 -4.80 17.12
C ALA A 344 12.31 -6.05 16.32
N LEU A 345 11.27 -6.82 15.97
CA LEU A 345 11.49 -8.02 15.17
C LEU A 345 11.87 -7.70 13.73
N LYS A 346 11.29 -6.64 13.16
CA LYS A 346 11.61 -6.28 11.78
C LYS A 346 13.06 -5.83 11.66
N HIS A 347 13.57 -5.15 12.69
CA HIS A 347 14.99 -4.77 12.68
C HIS A 347 15.89 -6.00 12.56
N CYS A 348 15.49 -7.12 13.18
CA CYS A 348 16.23 -8.37 13.02
C CYS A 348 16.01 -8.97 11.64
N ALA A 349 14.78 -8.89 11.12
CA ALA A 349 14.48 -9.47 9.82
C ALA A 349 15.29 -8.84 8.71
N PHE A 350 15.72 -7.59 8.88
CA PHE A 350 16.55 -6.96 7.85
C PHE A 350 17.83 -7.77 7.60
N THR A 351 18.46 -8.28 8.65
CA THR A 351 19.68 -9.06 8.48
C THR A 351 19.41 -10.36 7.74
N VAL A 352 18.25 -10.98 7.98
CA VAL A 352 17.90 -12.19 7.25
C VAL A 352 17.69 -11.88 5.78
N MET A 353 17.11 -10.72 5.49
CA MET A 353 16.98 -10.32 4.09
C MET A 353 18.35 -10.15 3.43
N ALA A 354 19.30 -9.55 4.15
CA ALA A 354 20.66 -9.43 3.61
C ALA A 354 21.30 -10.81 3.40
N LEU A 355 21.08 -11.74 4.33
CA LEU A 355 21.62 -13.09 4.17
C LEU A 355 21.02 -13.77 2.95
N HIS A 356 19.73 -13.60 2.72
CA HIS A 356 19.13 -14.15 1.51
C HIS A 356 19.73 -13.52 0.25
N GLY A 357 19.94 -12.20 0.27
CA GLY A 357 20.59 -11.56 -0.85
C GLY A 357 21.99 -12.10 -1.11
N CYS A 358 22.66 -12.56 -0.06
CA CYS A 358 23.99 -13.15 -0.24
C CYS A 358 23.99 -14.34 -1.19
N ILE A 359 22.89 -15.11 -1.22
CA ILE A 359 22.83 -16.29 -2.08
C ILE A 359 22.72 -15.91 -3.55
N LEU A 360 21.97 -14.85 -3.86
CA LEU A 360 21.73 -14.45 -5.24
C LEU A 360 22.89 -13.66 -5.84
N SER A 361 24.03 -13.58 -5.17
CA SER A 361 25.10 -12.71 -5.60
C SER A 361 25.78 -13.26 -6.85
N GLU A 362 26.30 -12.35 -7.68
CA GLU A 362 27.06 -12.76 -8.85
C GLU A 362 28.35 -13.46 -8.45
N ILE A 363 28.99 -13.01 -7.38
CA ILE A 363 30.27 -13.55 -6.94
C ILE A 363 30.02 -14.52 -5.79
N GLN A 364 30.52 -15.75 -5.93
CA GLN A 364 30.26 -16.79 -4.95
C GLN A 364 31.57 -17.53 -4.64
N ALA A 365 31.60 -18.15 -3.45
CA ALA A 365 32.75 -18.88 -2.93
C ALA A 365 32.70 -20.35 -3.35
N PRO A 366 33.85 -21.00 -3.44
CA PRO A 366 33.88 -22.43 -3.80
C PRO A 366 33.24 -23.30 -2.72
N GLU A 367 32.66 -24.41 -3.17
CA GLU A 367 31.93 -25.29 -2.27
C GLU A 367 32.86 -25.90 -1.21
N GLU A 368 34.05 -26.32 -1.63
CA GLU A 368 34.96 -26.98 -0.71
C GLU A 368 35.36 -26.06 0.44
N ARG A 369 35.38 -24.75 0.20
CA ARG A 369 35.68 -23.82 1.26
C ARG A 369 34.50 -23.61 2.20
N ARG A 370 33.27 -23.64 1.66
CA ARG A 370 32.09 -23.57 2.52
C ARG A 370 31.97 -24.78 3.43
N GLN A 371 32.28 -25.97 2.91
CA GLN A 371 32.04 -27.18 3.68
C GLN A 371 32.86 -27.26 4.96
N VAL A 372 33.90 -26.43 5.09
CA VAL A 372 34.72 -26.47 6.29
C VAL A 372 33.96 -25.99 7.52
N PHE A 373 32.99 -25.08 7.36
CA PHE A 373 32.32 -24.43 8.48
C PHE A 373 30.88 -24.90 8.66
N ARG A 374 30.55 -26.12 8.21
CA ARG A 374 29.16 -26.54 8.15
C ARG A 374 28.49 -26.57 9.52
N GLN A 375 29.12 -27.25 10.49
CA GLN A 375 28.45 -27.51 11.77
C GLN A 375 28.23 -26.22 12.56
N GLU A 376 29.25 -25.36 12.62
CA GLU A 376 29.11 -24.11 13.36
C GLU A 376 28.05 -23.22 12.74
N LEU A 377 27.96 -23.19 11.42
CA LEU A 377 26.93 -22.40 10.77
C LEU A 377 25.54 -22.97 11.01
N GLN A 378 25.41 -24.30 11.07
CA GLN A 378 24.10 -24.90 11.25
C GLN A 378 23.58 -24.76 12.68
N ARG A 379 24.47 -24.86 13.67
CA ARG A 379 24.04 -24.78 15.06
C ARG A 379 23.44 -23.42 15.38
N VAL A 380 24.03 -22.35 14.84
CA VAL A 380 23.52 -21.01 15.10
C VAL A 380 22.09 -20.87 14.58
N GLY A 381 21.84 -21.35 13.37
CA GLY A 381 20.50 -21.28 12.82
C GLY A 381 19.51 -22.09 13.63
N VAL A 382 19.91 -23.29 14.05
CA VAL A 382 19.02 -24.12 14.86
C VAL A 382 18.63 -23.39 16.13
N GLU A 383 19.62 -22.83 16.84
CA GLU A 383 19.35 -22.18 18.11
C GLU A 383 18.50 -20.92 17.93
N GLY A 384 18.78 -20.14 16.89
CA GLY A 384 17.98 -18.95 16.64
C GLY A 384 16.54 -19.29 16.34
N ALA A 385 16.31 -20.33 15.52
CA ALA A 385 14.95 -20.73 15.21
C ALA A 385 14.22 -21.20 16.47
N LYS A 386 14.91 -21.98 17.32
CA LYS A 386 14.29 -22.41 18.56
C LYS A 386 13.91 -21.23 19.44
N LEU A 387 14.80 -20.25 19.57
CA LEU A 387 14.50 -19.08 20.39
C LEU A 387 13.30 -18.32 19.86
N LEU A 388 13.25 -18.10 18.54
CA LEU A 388 12.15 -17.34 17.97
C LEU A 388 10.82 -18.07 18.14
N ARG A 389 10.82 -19.39 17.93
CA ARG A 389 9.58 -20.14 18.11
C ARG A 389 9.13 -20.15 19.56
N GLU A 390 10.07 -20.24 20.50
CA GLU A 390 9.70 -20.18 21.91
C GLU A 390 9.10 -18.83 22.27
N LEU A 391 9.68 -17.74 21.77
CA LEU A 391 9.10 -16.43 22.04
C LEU A 391 7.71 -16.30 21.43
N GLY A 392 7.52 -16.84 20.22
CA GLY A 392 6.20 -16.82 19.62
C GLY A 392 5.16 -17.56 20.43
N GLU A 393 5.51 -18.77 20.89
CA GLU A 393 4.58 -19.55 21.69
C GLU A 393 4.27 -18.85 23.01
N LYS A 394 5.28 -18.24 23.64
CA LYS A 394 5.01 -17.53 24.89
C LYS A 394 4.11 -16.32 24.67
N VAL A 395 4.29 -15.63 23.54
CA VAL A 395 3.41 -14.49 23.24
C VAL A 395 1.98 -14.98 23.02
N LYS A 396 1.83 -16.11 22.31
CA LYS A 396 0.49 -16.56 21.95
C LYS A 396 -0.37 -16.85 23.18
N LYS A 397 0.22 -17.43 24.22
CA LYS A 397 -0.53 -17.81 25.41
C LYS A 397 -0.55 -16.73 26.50
N MET A 398 0.06 -15.58 26.26
CA MET A 398 0.05 -14.49 27.23
C MET A 398 0.67 -14.93 28.56
N GLU A 399 1.96 -15.26 28.49
CA GLU A 399 2.69 -15.82 29.63
C GLU A 399 4.00 -15.07 29.82
N LYS A 400 4.45 -15.01 31.07
CA LYS A 400 5.70 -14.36 31.41
C LYS A 400 6.89 -15.27 31.10
N LEU A 401 8.07 -14.65 31.02
CA LEU A 401 9.30 -15.39 30.83
C LEU A 401 9.72 -16.10 32.12
N GLY A 402 10.37 -17.26 31.95
CA GLY A 402 10.85 -18.00 33.09
C GLY A 402 12.14 -17.43 33.64
N PRO A 403 12.66 -18.09 34.67
CA PRO A 403 13.90 -17.61 35.29
C PRO A 403 15.14 -17.90 34.47
N VAL A 404 15.11 -19.01 33.71
CA VAL A 404 16.28 -19.41 32.94
C VAL A 404 16.57 -18.40 31.83
N ASP A 405 17.85 -18.23 31.53
CA ASP A 405 18.27 -17.31 30.48
C ASP A 405 18.04 -17.95 29.11
N LEU A 406 17.48 -17.16 28.19
CA LEU A 406 17.12 -17.67 26.87
C LEU A 406 18.23 -17.52 25.83
N LEU A 407 19.22 -16.67 26.07
CA LEU A 407 20.25 -16.37 25.08
C LEU A 407 21.56 -17.12 25.31
N PHE A 408 21.59 -18.06 26.25
CA PHE A 408 22.83 -18.74 26.59
C PHE A 408 23.36 -19.57 25.41
N GLU A 409 22.50 -20.42 24.85
CA GLU A 409 22.95 -21.38 23.85
C GLU A 409 23.41 -20.67 22.57
N VAL A 410 22.64 -19.68 22.11
CA VAL A 410 22.99 -19.03 20.85
C VAL A 410 24.28 -18.22 21.00
N HIS A 411 24.47 -17.59 22.16
CA HIS A 411 25.73 -16.89 22.42
C HIS A 411 26.91 -17.87 22.43
N LEU A 412 26.73 -19.04 23.03
CA LEU A 412 27.79 -20.04 23.02
C LEU A 412 28.11 -20.48 21.59
N ALA A 413 27.07 -20.71 20.79
CA ALA A 413 27.29 -21.11 19.40
C ALA A 413 28.02 -20.03 18.63
N ALA A 414 27.66 -18.76 18.86
CA ALA A 414 28.34 -17.66 18.17
C ALA A 414 29.80 -17.58 18.55
N GLU A 415 30.12 -17.79 19.83
CA GLU A 415 31.52 -17.77 20.24
C GLU A 415 32.29 -18.95 19.61
N GLU A 416 31.66 -20.12 19.54
CA GLU A 416 32.28 -21.24 18.84
C GLU A 416 32.53 -20.90 17.37
N LEU A 417 31.57 -20.25 16.71
CA LEU A 417 31.76 -19.84 15.33
C LEU A 417 32.93 -18.89 15.18
N GLN A 418 33.04 -17.92 16.09
CA GLN A 418 34.15 -16.98 16.02
C GLN A 418 35.49 -17.69 16.19
N HIS A 419 35.58 -18.61 17.14
CA HIS A 419 36.81 -19.37 17.31
C HIS A 419 37.15 -20.16 16.04
N LYS A 420 36.14 -20.81 15.45
CA LYS A 420 36.40 -21.60 14.24
C LYS A 420 36.89 -20.72 13.10
N ILE A 421 36.26 -19.55 12.92
CA ILE A 421 36.72 -18.62 11.87
C ILE A 421 38.14 -18.20 12.14
N ASP A 422 38.47 -17.91 13.41
CA ASP A 422 39.82 -17.49 13.75
C ASP A 422 40.84 -18.57 13.42
N LYS A 423 40.45 -19.84 13.59
CA LYS A 423 41.41 -20.92 13.39
C LYS A 423 41.77 -21.12 11.92
N LYS A 424 40.82 -20.87 11.01
CA LYS A 424 41.02 -21.15 9.59
C LYS A 424 40.96 -19.89 8.74
N SER A 425 41.40 -18.75 9.27
CA SER A 425 41.28 -17.49 8.56
C SER A 425 42.14 -17.44 7.30
N TYR A 426 43.11 -18.35 7.16
CA TYR A 426 43.98 -18.34 5.99
C TYR A 426 43.29 -18.80 4.72
N LEU A 427 42.06 -19.32 4.81
CA LEU A 427 41.26 -19.66 3.65
C LEU A 427 40.44 -18.50 3.11
N LEU A 428 40.37 -17.39 3.84
CA LEU A 428 39.59 -16.23 3.41
C LEU A 428 40.41 -15.19 2.69
N VAL A 429 41.69 -15.04 3.04
CA VAL A 429 42.56 -14.06 2.39
C VAL A 429 43.78 -14.79 1.84
N ASN A 430 44.65 -14.07 1.15
CA ASN A 430 45.89 -14.63 0.61
C ASN A 430 47.06 -13.84 1.17
N SER A 431 48.05 -14.55 1.71
CA SER A 431 49.20 -13.93 2.35
C SER A 431 50.39 -13.78 1.41
N GLU A 432 50.33 -14.34 0.21
CA GLU A 432 51.45 -14.23 -0.72
C GLU A 432 51.72 -12.78 -1.09
N CYS A 433 50.65 -11.98 -1.24
CA CYS A 433 50.76 -10.60 -1.68
C CYS A 433 50.85 -9.61 -0.53
N TRP A 434 51.12 -10.07 0.69
CA TRP A 434 51.19 -9.18 1.84
C TRP A 434 52.35 -8.22 1.70
N GLU A 435 52.16 -6.99 2.17
CA GLU A 435 53.16 -5.95 2.05
C GLU A 435 53.24 -5.10 3.32
N LYS A 527 44.28 -13.30 -10.44
CA LYS A 527 42.98 -12.78 -10.82
C LYS A 527 42.30 -12.10 -9.65
N THR A 528 41.26 -11.32 -9.96
CA THR A 528 40.48 -10.62 -8.95
C THR A 528 39.21 -11.35 -8.56
N TYR A 529 38.60 -12.09 -9.48
CA TYR A 529 37.37 -12.83 -9.16
C TYR A 529 37.63 -13.88 -8.09
N GLU A 530 38.78 -14.55 -8.14
CA GLU A 530 39.08 -15.55 -7.13
C GLU A 530 39.23 -14.91 -5.74
N SER A 531 39.88 -13.75 -5.68
CA SER A 531 39.99 -13.06 -4.39
C SER A 531 38.62 -12.64 -3.88
N ALA A 532 37.77 -12.11 -4.75
CA ALA A 532 36.42 -11.74 -4.33
C ALA A 532 35.63 -12.95 -3.83
N SER A 533 35.74 -14.07 -4.53
CA SER A 533 35.05 -15.28 -4.10
C SER A 533 35.55 -15.74 -2.74
N ALA A 534 36.87 -15.69 -2.54
CA ALA A 534 37.43 -16.08 -1.24
C ALA A 534 36.92 -15.15 -0.13
N LEU A 535 36.81 -13.86 -0.42
CA LEU A 535 36.37 -12.89 0.58
C LEU A 535 34.86 -12.88 0.81
N SER A 536 34.07 -13.50 -0.08
CA SER A 536 32.62 -13.43 0.06
C SER A 536 32.05 -14.29 1.18
N LEU A 537 32.84 -15.19 1.79
CA LEU A 537 32.32 -16.03 2.87
C LEU A 537 32.33 -15.32 4.22
N ALA A 538 33.35 -14.48 4.45
CA ALA A 538 33.37 -13.67 5.66
C ALA A 538 32.13 -12.81 5.78
N THR A 539 31.58 -12.35 4.66
CA THR A 539 30.37 -11.55 4.71
C THR A 539 29.21 -12.33 5.30
N PHE A 540 29.03 -13.58 4.87
CA PHE A 540 27.96 -14.43 5.39
C PHE A 540 28.17 -14.70 6.87
N ALA A 541 29.40 -15.02 7.27
CA ALA A 541 29.68 -15.28 8.68
C ALA A 541 29.40 -14.05 9.54
N SER A 542 29.86 -12.89 9.09
CA SER A 542 29.68 -11.67 9.86
C SER A 542 28.22 -11.27 9.94
N LEU A 543 27.45 -11.50 8.87
CA LEU A 543 26.02 -11.19 8.93
C LEU A 543 25.29 -12.10 9.91
N LEU A 544 25.67 -13.39 9.95
CA LEU A 544 25.09 -14.27 10.95
C LEU A 544 25.39 -13.79 12.37
N ILE A 545 26.65 -13.41 12.61
CA ILE A 545 27.03 -12.94 13.94
C ILE A 545 26.28 -11.65 14.29
N GLU A 546 26.07 -10.78 13.29
CA GLU A 546 25.31 -9.56 13.53
C GLU A 546 23.87 -9.86 13.90
N PHE A 547 23.25 -10.84 13.24
CA PHE A 547 21.89 -11.23 13.62
C PHE A 547 21.86 -11.70 15.06
N VAL A 548 22.82 -12.55 15.44
CA VAL A 548 22.86 -13.05 16.81
C VAL A 548 23.01 -11.89 17.79
N ALA A 549 23.82 -10.89 17.42
CA ALA A 549 23.99 -9.72 18.30
C ALA A 549 22.72 -8.89 18.39
N ARG A 550 21.95 -8.79 17.30
CA ARG A 550 20.72 -8.01 17.30
C ARG A 550 19.58 -8.69 18.05
N LEU A 551 19.70 -10.00 18.32
CA LEU A 551 18.57 -10.73 18.89
C LEU A 551 18.05 -10.15 20.22
N GLN A 552 18.85 -9.38 20.97
CA GLN A 552 18.52 -9.08 22.36
C GLN A 552 17.47 -7.97 22.53
N ASN A 553 17.40 -7.04 21.57
CA ASN A 553 16.38 -6.00 21.62
C ASN A 553 14.97 -6.59 21.64
N VAL A 554 14.77 -7.70 20.92
CA VAL A 554 13.45 -8.32 20.87
C VAL A 554 13.06 -8.84 22.25
N VAL A 555 14.01 -9.47 22.96
CA VAL A 555 13.71 -9.96 24.30
C VAL A 555 13.42 -8.80 25.24
N ASP A 556 14.17 -7.70 25.12
CA ASP A 556 13.88 -6.54 25.95
C ASP A 556 12.46 -6.01 25.70
N ALA A 557 12.08 -5.89 24.43
CA ALA A 557 10.74 -5.40 24.10
C ALA A 557 9.67 -6.36 24.60
N PHE A 558 9.91 -7.67 24.48
CA PHE A 558 8.93 -8.63 24.97
C PHE A 558 8.75 -8.50 26.48
N LYS A 559 9.85 -8.34 27.22
CA LYS A 559 9.75 -8.17 28.66
C LYS A 559 8.95 -6.91 29.00
N GLU A 560 9.20 -5.81 28.28
CA GLU A 560 8.43 -4.60 28.53
C GLU A 560 6.95 -4.82 28.27
N LEU A 561 6.62 -5.47 27.16
CA LEU A 561 5.20 -5.70 26.84
C LEU A 561 4.54 -6.59 27.87
N SER A 562 5.23 -7.65 28.29
CA SER A 562 4.66 -8.54 29.31
C SER A 562 4.50 -7.84 30.65
N GLN A 563 5.32 -6.82 30.92
CA GLN A 563 5.11 -6.04 32.13
C GLN A 563 3.91 -5.11 31.99
N LYS A 564 3.76 -4.44 30.84
CA LYS A 564 2.67 -3.49 30.69
C LYS A 564 1.31 -4.16 30.79
N ALA A 565 1.14 -5.31 30.15
CA ALA A 565 -0.08 -6.09 30.25
C ALA A 565 0.12 -7.23 31.24
N ASN A 566 -0.91 -7.49 32.06
CA ASN A 566 -0.76 -8.47 33.12
C ASN A 566 -0.72 -9.88 32.53
N PHE A 567 0.49 -10.36 32.25
CA PHE A 567 0.68 -11.69 31.71
C PHE A 567 0.76 -12.71 32.84
N LYS A 568 0.22 -13.90 32.59
CA LYS A 568 0.10 -14.91 33.64
C LYS A 568 1.48 -15.43 34.05
N GLU A 569 1.58 -15.83 35.31
CA GLU A 569 2.80 -16.43 35.83
C GLU A 569 3.00 -17.78 35.15
N PRO A 570 4.20 -18.09 34.63
CA PRO A 570 4.41 -19.40 34.02
C PRO A 570 4.14 -20.52 35.01
N GLU A 571 3.55 -21.60 34.51
CA GLU A 571 3.25 -22.76 35.33
C GLU A 571 4.50 -23.32 36.00
N ALA B 77 -1.15 24.18 2.50
CA ALA B 77 -2.16 25.09 1.95
C ALA B 77 -1.57 25.96 0.85
N TRP B 78 -1.34 27.23 1.16
CA TRP B 78 -0.77 28.13 0.16
C TRP B 78 0.64 27.68 -0.23
N GLU B 79 1.43 27.25 0.74
CA GLU B 79 2.77 26.73 0.44
C GLU B 79 2.69 25.50 -0.44
N MET B 80 1.75 24.60 -0.14
CA MET B 80 1.60 23.39 -0.95
C MET B 80 1.19 23.75 -2.38
N GLY B 81 0.31 24.74 -2.53
CA GLY B 81 -0.09 25.15 -3.87
C GLY B 81 1.05 25.81 -4.64
N VAL B 82 1.84 26.65 -3.97
CA VAL B 82 2.93 27.33 -4.65
C VAL B 82 4.02 26.34 -5.03
N SER B 83 4.28 25.34 -4.18
CA SER B 83 5.24 24.31 -4.52
C SER B 83 4.79 23.50 -5.74
N ASP B 84 3.50 23.18 -5.80
CA ASP B 84 2.95 22.34 -6.88
C ASP B 84 1.72 23.02 -7.47
N PRO B 85 1.87 23.74 -8.58
CA PRO B 85 0.72 24.40 -9.20
C PRO B 85 -0.16 23.50 -10.05
N ARG B 86 0.13 22.19 -10.10
CA ARG B 86 -0.74 21.27 -10.82
C ARG B 86 -2.04 20.99 -10.06
N LYS B 87 -2.03 21.15 -8.73
CA LYS B 87 -3.19 20.87 -7.90
C LYS B 87 -4.16 22.04 -7.79
N ILE B 88 -3.81 23.20 -8.35
CA ILE B 88 -4.73 24.33 -8.37
C ILE B 88 -5.61 24.35 -9.60
N VAL B 89 -5.20 23.68 -10.68
CA VAL B 89 -6.01 23.64 -11.90
C VAL B 89 -7.02 22.50 -11.87
N PHE B 90 -6.69 21.38 -11.22
CA PHE B 90 -7.64 20.29 -11.07
C PHE B 90 -8.89 20.72 -10.29
N SER B 91 -8.63 21.43 -9.20
CA SER B 91 -9.67 21.93 -8.31
C SER B 91 -10.59 22.95 -8.96
N ALA B 92 -10.09 23.78 -9.86
CA ALA B 92 -10.87 24.71 -10.67
C ALA B 92 -11.60 24.00 -11.80
N LYS B 93 -11.01 22.95 -12.38
CA LYS B 93 -11.71 22.19 -13.41
C LYS B 93 -12.93 21.49 -12.85
N ILE B 94 -12.80 20.88 -11.66
CA ILE B 94 -13.94 20.24 -11.02
C ILE B 94 -15.02 21.27 -10.72
N GLY B 95 -14.62 22.43 -10.18
CA GLY B 95 -15.58 23.49 -9.93
C GLY B 95 -16.29 23.95 -11.20
N LEU B 96 -15.56 24.05 -12.31
CA LEU B 96 -16.16 24.49 -13.56
C LEU B 96 -17.18 23.49 -14.08
N ALA B 97 -16.85 22.19 -14.02
CA ALA B 97 -17.83 21.18 -14.44
C ALA B 97 -19.08 21.23 -13.57
N LEU B 98 -18.89 21.37 -12.25
CA LEU B 98 -20.04 21.47 -11.37
C LEU B 98 -20.89 22.69 -11.70
N THR B 99 -20.23 23.83 -11.97
CA THR B 99 -20.97 25.05 -12.29
C THR B 99 -21.76 24.90 -13.58
N ILE B 100 -21.18 24.26 -14.59
CA ILE B 100 -21.90 24.03 -15.84
C ILE B 100 -23.14 23.20 -15.59
N VAL B 101 -22.99 22.09 -14.86
CA VAL B 101 -24.15 21.23 -14.60
C VAL B 101 -25.21 21.99 -13.80
N ALA B 102 -24.77 22.78 -12.82
CA ALA B 102 -25.72 23.55 -12.02
C ALA B 102 -26.48 24.56 -12.88
N LEU B 103 -25.79 25.22 -13.80
CA LEU B 103 -26.46 26.16 -14.68
C LEU B 103 -27.51 25.46 -15.54
N LEU B 104 -27.15 24.30 -16.10
CA LEU B 104 -28.12 23.54 -16.89
C LEU B 104 -29.31 23.09 -16.05
N ILE B 105 -29.09 22.76 -14.78
CA ILE B 105 -30.21 22.37 -13.92
C ILE B 105 -31.06 23.57 -13.51
N PHE B 106 -30.46 24.76 -13.41
CA PHE B 106 -31.21 25.93 -12.96
C PHE B 106 -31.90 26.67 -14.09
N TYR B 107 -31.51 26.43 -15.34
CA TYR B 107 -32.14 27.14 -16.46
C TYR B 107 -32.71 26.14 -17.47
N GLN B 108 -33.43 25.14 -16.97
CA GLN B 108 -33.97 24.06 -17.79
C GLN B 108 -35.42 24.33 -18.15
N GLU B 109 -35.81 23.82 -19.31
CA GLU B 109 -37.18 23.98 -19.78
C GLU B 109 -38.13 23.17 -18.90
N PRO B 110 -39.16 23.78 -18.31
CA PRO B 110 -40.00 23.06 -17.34
C PRO B 110 -40.47 21.70 -17.83
N ASN B 111 -40.19 20.66 -17.05
CA ASN B 111 -40.61 19.30 -17.36
C ASN B 111 -41.26 18.68 -16.13
N PRO B 112 -42.29 17.85 -16.31
CA PRO B 112 -43.00 17.29 -15.16
C PRO B 112 -42.14 16.35 -14.33
N ASP B 113 -41.50 15.39 -14.98
CA ASP B 113 -40.71 14.37 -14.30
C ASP B 113 -39.22 14.72 -14.24
N LEU B 114 -38.63 15.10 -15.38
CA LEU B 114 -37.19 15.32 -15.43
C LEU B 114 -36.72 16.32 -14.39
N SER B 115 -37.56 17.28 -14.04
CA SER B 115 -37.17 18.27 -13.03
C SER B 115 -36.98 17.67 -11.64
N ARG B 116 -37.53 16.49 -11.39
CA ARG B 116 -37.40 15.87 -10.07
C ARG B 116 -36.21 14.93 -9.96
N TYR B 117 -35.48 14.69 -11.05
CA TYR B 117 -34.30 13.83 -10.99
C TYR B 117 -33.07 14.52 -11.58
N SER B 118 -33.11 15.84 -11.76
CA SER B 118 -31.96 16.53 -12.34
C SER B 118 -30.72 16.37 -11.46
N VAL B 119 -30.91 16.15 -10.16
CA VAL B 119 -29.80 16.07 -9.22
C VAL B 119 -28.89 14.88 -9.51
N TRP B 120 -29.39 13.89 -10.26
CA TRP B 120 -28.60 12.71 -10.59
C TRP B 120 -27.42 13.04 -11.51
N ALA B 121 -27.40 14.21 -12.14
CA ALA B 121 -26.34 14.57 -13.06
C ALA B 121 -25.17 15.28 -12.39
N ILE B 122 -25.40 15.93 -11.24
CA ILE B 122 -24.33 16.63 -10.55
C ILE B 122 -23.55 15.76 -9.58
N LEU B 123 -24.08 14.60 -9.20
CA LEU B 123 -23.33 13.66 -8.38
C LEU B 123 -22.42 12.75 -9.19
N THR B 124 -22.78 12.48 -10.45
CA THR B 124 -21.91 11.73 -11.33
C THR B 124 -20.58 12.43 -11.54
N VAL B 125 -20.60 13.76 -11.68
CA VAL B 125 -19.37 14.51 -11.85
C VAL B 125 -18.47 14.33 -10.64
N VAL B 126 -19.05 14.40 -9.44
CA VAL B 126 -18.27 14.20 -8.22
C VAL B 126 -17.70 12.79 -8.17
N VAL B 127 -18.47 11.80 -8.62
CA VAL B 127 -18.08 10.42 -8.44
C VAL B 127 -17.08 9.91 -9.48
N VAL B 128 -17.08 10.47 -10.70
CA VAL B 128 -16.27 9.91 -11.78
C VAL B 128 -15.08 10.78 -12.17
N PHE B 129 -14.85 11.91 -11.51
CA PHE B 129 -13.74 12.78 -11.87
C PHE B 129 -12.45 12.29 -11.22
N GLU B 130 -11.46 11.94 -12.04
CA GLU B 130 -10.19 11.40 -11.55
C GLU B 130 -9.01 12.25 -12.04
N PHE B 131 -7.86 12.00 -11.41
CA PHE B 131 -6.67 12.82 -11.65
C PHE B 131 -6.14 12.64 -13.07
N THR B 132 -6.08 11.41 -13.56
CA THR B 132 -5.55 11.12 -14.89
C THR B 132 -6.66 10.68 -15.83
N ILE B 133 -6.37 10.77 -17.13
CA ILE B 133 -7.35 10.39 -18.15
C ILE B 133 -7.60 8.88 -18.14
N GLY B 134 -6.52 8.09 -18.09
CA GLY B 134 -6.68 6.65 -18.16
C GLY B 134 -7.44 6.06 -17.00
N ALA B 135 -7.24 6.61 -15.80
CA ALA B 135 -7.99 6.14 -14.64
C ALA B 135 -9.47 6.44 -14.80
N THR B 136 -9.79 7.65 -15.26
CA THR B 136 -11.15 8.05 -15.54
C THR B 136 -11.77 7.12 -16.58
N LEU B 137 -11.02 6.75 -17.60
CA LEU B 137 -11.48 5.82 -18.63
C LEU B 137 -11.56 4.34 -18.21
N SER B 138 -10.65 3.84 -17.39
CA SER B 138 -10.70 2.46 -16.84
C SER B 138 -11.79 2.27 -15.77
N LYS B 139 -11.98 3.23 -14.88
CA LYS B 139 -13.00 3.14 -13.86
C LYS B 139 -14.42 3.42 -14.37
N GLY B 140 -14.64 4.37 -15.28
CA GLY B 140 -15.95 4.54 -15.87
C GLY B 140 -16.41 3.30 -16.62
N PHE B 141 -15.47 2.63 -17.29
CA PHE B 141 -15.80 1.37 -17.96
C PHE B 141 -16.34 0.34 -16.96
N ASN B 142 -15.62 0.15 -15.85
CA ASN B 142 -16.05 -0.86 -14.88
C ASN B 142 -17.36 -0.46 -14.20
N ARG B 143 -17.53 0.83 -13.90
CA ARG B 143 -18.78 1.29 -13.30
C ARG B 143 -19.96 1.08 -14.23
N ALA B 144 -19.77 1.36 -15.52
CA ALA B 144 -20.83 1.12 -16.50
C ALA B 144 -21.17 -0.37 -16.59
N LEU B 145 -20.16 -1.22 -16.58
CA LEU B 145 -20.42 -2.66 -16.57
C LEU B 145 -21.30 -3.05 -15.39
N GLY B 146 -20.90 -2.62 -14.19
CA GLY B 146 -21.66 -2.97 -13.00
C GLY B 146 -23.10 -2.47 -13.06
N THR B 147 -23.28 -1.20 -13.46
CA THR B 147 -24.61 -0.62 -13.49
C THR B 147 -25.50 -1.34 -14.50
N LEU B 148 -24.97 -1.62 -15.70
CA LEU B 148 -25.79 -2.24 -16.73
C LEU B 148 -26.17 -3.66 -16.35
N SER B 149 -25.23 -4.42 -15.79
CA SER B 149 -25.57 -5.79 -15.39
C SER B 149 -26.58 -5.80 -14.25
N ALA B 150 -26.42 -4.89 -13.26
CA ALA B 150 -27.41 -4.83 -12.19
C ALA B 150 -28.79 -4.46 -12.71
N GLY B 151 -28.86 -3.51 -13.63
CA GLY B 151 -30.16 -3.13 -14.19
C GLY B 151 -30.81 -4.26 -14.95
N GLY B 152 -30.02 -4.98 -15.76
CA GLY B 152 -30.58 -6.12 -16.47
C GLY B 152 -31.11 -7.19 -15.54
N LEU B 153 -30.35 -7.52 -14.49
CA LEU B 153 -30.82 -8.52 -13.53
C LEU B 153 -32.08 -8.05 -12.83
N ALA B 154 -32.14 -6.78 -12.43
CA ALA B 154 -33.32 -6.27 -11.75
C ALA B 154 -34.56 -6.36 -12.64
N LEU B 155 -34.43 -5.96 -13.91
CA LEU B 155 -35.58 -6.04 -14.80
C LEU B 155 -36.01 -7.49 -15.02
N GLY B 156 -35.04 -8.40 -15.19
CA GLY B 156 -35.39 -9.80 -15.37
C GLY B 156 -36.13 -10.36 -14.18
N MET B 157 -35.63 -10.11 -12.97
CA MET B 157 -36.30 -10.63 -11.78
C MET B 157 -37.66 -9.98 -11.56
N ALA B 158 -37.78 -8.68 -11.87
CA ALA B 158 -39.09 -8.04 -11.76
C ALA B 158 -40.10 -8.68 -12.70
N GLU B 159 -39.69 -8.99 -13.94
CA GLU B 159 -40.59 -9.69 -14.85
C GLU B 159 -40.92 -11.08 -14.33
N LEU B 160 -39.92 -11.78 -13.77
CA LEU B 160 -40.14 -13.14 -13.30
C LEU B 160 -41.11 -13.20 -12.12
N SER B 161 -41.07 -12.20 -11.24
CA SER B 161 -41.82 -12.30 -9.99
C SER B 161 -43.34 -12.38 -10.21
N THR B 162 -43.83 -12.00 -11.40
CA THR B 162 -45.28 -11.94 -11.59
C THR B 162 -45.94 -13.30 -11.44
N LEU B 163 -45.27 -14.38 -11.83
CA LEU B 163 -45.89 -15.70 -11.77
C LEU B 163 -46.37 -16.03 -10.36
N PHE B 164 -45.55 -15.77 -9.35
CA PHE B 164 -45.93 -16.04 -7.96
C PHE B 164 -46.80 -14.89 -7.43
N GLY B 165 -48.05 -14.88 -7.90
CA GLY B 165 -48.93 -13.78 -7.59
C GLY B 165 -49.22 -13.64 -6.11
N ASP B 166 -49.47 -14.76 -5.43
CA ASP B 166 -49.85 -14.70 -4.02
C ASP B 166 -48.73 -14.11 -3.17
N TRP B 167 -47.48 -14.51 -3.43
CA TRP B 167 -46.33 -14.08 -2.63
C TRP B 167 -45.34 -13.37 -3.56
N GLU B 168 -45.52 -12.06 -3.74
CA GLU B 168 -44.61 -11.25 -4.54
C GLU B 168 -43.52 -10.63 -3.68
N GLU B 169 -43.90 -9.99 -2.57
CA GLU B 169 -42.92 -9.39 -1.67
C GLU B 169 -41.95 -10.42 -1.11
N ILE B 170 -42.45 -11.62 -0.80
CA ILE B 170 -41.58 -12.66 -0.26
C ILE B 170 -40.52 -13.04 -1.29
N PHE B 171 -40.94 -13.22 -2.54
CA PHE B 171 -40.00 -13.56 -3.59
C PHE B 171 -38.98 -12.45 -3.81
N CYS B 172 -39.45 -11.20 -3.82
CA CYS B 172 -38.53 -10.08 -4.02
C CYS B 172 -37.49 -10.01 -2.91
N THR B 173 -37.93 -10.11 -1.65
CA THR B 173 -36.98 -10.04 -0.54
C THR B 173 -36.10 -11.28 -0.43
N LEU B 174 -36.51 -12.40 -1.01
CA LEU B 174 -35.63 -13.56 -1.07
C LEU B 174 -34.57 -13.39 -2.16
N SER B 175 -34.94 -12.78 -3.28
CA SER B 175 -33.93 -12.53 -4.29
C SER B 175 -32.97 -11.44 -3.82
N ILE B 176 -33.47 -10.48 -3.04
CA ILE B 176 -32.58 -9.49 -2.42
C ILE B 176 -31.58 -10.20 -1.52
N PHE B 177 -32.05 -11.15 -0.72
CA PHE B 177 -31.14 -11.87 0.18
C PHE B 177 -30.08 -12.62 -0.62
N CYS B 178 -30.50 -13.35 -1.65
CA CYS B 178 -29.56 -14.16 -2.42
C CYS B 178 -28.54 -13.29 -3.15
N ILE B 179 -29.00 -12.20 -3.77
CA ILE B 179 -28.08 -11.32 -4.49
C ILE B 179 -27.10 -10.67 -3.53
N GLY B 180 -27.56 -10.23 -2.36
CA GLY B 180 -26.65 -9.64 -1.40
C GLY B 180 -25.61 -10.63 -0.91
N PHE B 181 -26.02 -11.88 -0.68
CA PHE B 181 -25.07 -12.90 -0.27
C PHE B 181 -24.02 -13.14 -1.34
N LEU B 182 -24.46 -13.29 -2.59
CA LEU B 182 -23.51 -13.65 -3.65
C LEU B 182 -22.57 -12.49 -3.95
N ALA B 183 -23.10 -11.26 -4.00
CA ALA B 183 -22.26 -10.11 -4.27
C ALA B 183 -21.27 -9.85 -3.15
N THR B 184 -21.64 -10.14 -1.90
CA THR B 184 -20.68 -10.00 -0.80
C THR B 184 -19.63 -11.11 -0.83
N PHE B 185 -20.02 -12.33 -1.22
CA PHE B 185 -19.06 -13.42 -1.28
C PHE B 185 -18.06 -13.27 -2.42
N MET B 186 -18.51 -12.76 -3.57
CA MET B 186 -17.62 -12.67 -4.73
C MET B 186 -16.58 -11.56 -4.59
N LYS B 187 -16.78 -10.59 -3.71
CA LYS B 187 -15.84 -9.48 -3.56
C LYS B 187 -14.76 -9.73 -2.52
N LEU B 188 -14.85 -10.81 -1.76
CA LEU B 188 -13.85 -11.13 -0.74
C LEU B 188 -12.68 -11.93 -1.28
N TYR B 189 -12.67 -12.28 -2.55
CA TYR B 189 -11.51 -12.94 -3.13
C TYR B 189 -10.28 -12.04 -3.02
N PRO B 190 -9.11 -12.61 -2.74
CA PRO B 190 -7.90 -11.78 -2.70
C PRO B 190 -7.53 -11.18 -4.05
N SER B 191 -8.00 -11.76 -5.15
CA SER B 191 -7.68 -11.27 -6.48
C SER B 191 -8.63 -10.19 -6.97
N MET B 192 -9.66 -9.86 -6.19
CA MET B 192 -10.59 -8.78 -6.53
C MET B 192 -10.50 -7.63 -5.52
N LYS B 193 -9.33 -7.45 -4.91
CA LYS B 193 -9.18 -6.42 -3.89
C LYS B 193 -9.25 -5.03 -4.48
N ALA B 194 -8.79 -4.85 -5.71
CA ALA B 194 -8.73 -3.53 -6.35
C ALA B 194 -10.00 -3.16 -7.10
N TYR B 195 -11.02 -4.03 -7.08
CA TYR B 195 -12.26 -3.77 -7.82
C TYR B 195 -13.45 -3.64 -6.87
N GLU B 196 -13.20 -3.21 -5.64
CA GLU B 196 -14.28 -3.08 -4.67
C GLU B 196 -15.27 -1.98 -5.03
N TYR B 197 -14.84 -1.01 -5.84
CA TYR B 197 -15.73 0.09 -6.21
C TYR B 197 -16.79 -0.33 -7.21
N GLY B 198 -16.58 -1.43 -7.94
CA GLY B 198 -17.54 -1.90 -8.91
C GLY B 198 -18.56 -2.87 -8.37
N PHE B 199 -18.23 -3.54 -7.26
CA PHE B 199 -19.19 -4.41 -6.59
C PHE B 199 -20.21 -3.63 -5.77
N ARG B 200 -19.91 -2.38 -5.41
CA ARG B 200 -20.88 -1.53 -4.71
C ARG B 200 -21.95 -1.00 -5.67
N VAL B 201 -21.55 -0.61 -6.88
CA VAL B 201 -22.49 -0.09 -7.86
C VAL B 201 -23.51 -1.17 -8.23
N PHE B 202 -23.07 -2.41 -8.34
CA PHE B 202 -23.98 -3.49 -8.69
C PHE B 202 -25.08 -3.65 -7.66
N LEU B 203 -24.71 -3.75 -6.38
CA LEU B 203 -25.70 -3.95 -5.33
C LEU B 203 -26.59 -2.73 -5.18
N LEU B 204 -26.01 -1.53 -5.23
CA LEU B 204 -26.82 -0.32 -5.13
C LEU B 204 -27.86 -0.25 -6.24
N THR B 205 -27.45 -0.49 -7.49
CA THR B 205 -28.38 -0.43 -8.60
C THR B 205 -29.46 -1.50 -8.47
N TYR B 206 -29.08 -2.73 -8.11
CA TYR B 206 -30.06 -3.79 -8.00
C TYR B 206 -31.12 -3.46 -6.96
N CYS B 207 -30.67 -3.08 -5.75
CA CYS B 207 -31.62 -2.77 -4.69
C CYS B 207 -32.48 -1.55 -5.02
N TYR B 208 -31.88 -0.51 -5.61
CA TYR B 208 -32.65 0.67 -5.96
C TYR B 208 -33.73 0.35 -6.98
N ILE B 209 -33.37 -0.38 -8.04
CA ILE B 209 -34.35 -0.66 -9.09
C ILE B 209 -35.44 -1.59 -8.56
N LEU B 210 -35.07 -2.58 -7.74
CA LEU B 210 -36.08 -3.50 -7.21
C LEU B 210 -37.03 -2.79 -6.26
N ILE B 211 -36.53 -1.91 -5.39
CA ILE B 211 -37.40 -1.28 -4.40
C ILE B 211 -38.18 -0.12 -4.99
N SER B 212 -37.66 0.54 -6.03
CA SER B 212 -38.33 1.73 -6.56
C SER B 212 -39.44 1.41 -7.55
N GLY B 213 -39.48 0.19 -8.08
CA GLY B 213 -40.50 -0.19 -9.03
C GLY B 213 -41.60 -1.06 -8.46
N PHE B 214 -41.52 -1.43 -7.19
CA PHE B 214 -42.53 -2.30 -6.60
C PHE B 214 -43.92 -1.67 -6.66
N ARG B 215 -44.02 -0.37 -6.37
CA ARG B 215 -45.31 0.32 -6.38
C ARG B 215 -45.56 0.93 -7.75
N THR B 216 -46.68 0.57 -8.36
CA THR B 216 -47.11 1.12 -9.64
C THR B 216 -46.22 0.66 -10.78
N GLY B 217 -45.89 -0.64 -10.80
CA GLY B 217 -45.05 -1.19 -11.85
C GLY B 217 -43.85 -0.32 -12.14
N GLN B 218 -43.75 0.21 -13.35
CA GLN B 218 -42.78 1.25 -13.67
C GLN B 218 -41.36 0.78 -13.35
N PHE B 219 -40.93 -0.25 -14.07
CA PHE B 219 -39.58 -0.79 -13.90
C PHE B 219 -38.64 -0.35 -15.01
N ILE B 220 -39.11 -0.35 -16.27
CA ILE B 220 -38.25 0.01 -17.39
C ILE B 220 -38.24 1.52 -17.66
N GLU B 221 -39.06 2.29 -16.95
CA GLU B 221 -39.08 3.75 -17.08
C GLU B 221 -38.30 4.47 -16.00
N VAL B 222 -37.93 3.77 -14.91
CA VAL B 222 -37.09 4.36 -13.87
C VAL B 222 -35.61 4.14 -14.13
N ALA B 223 -35.26 3.37 -15.17
CA ALA B 223 -33.88 3.12 -15.55
C ALA B 223 -33.38 4.03 -16.66
N ILE B 224 -34.13 4.14 -17.76
CA ILE B 224 -33.66 4.91 -18.91
C ILE B 224 -33.43 6.37 -18.55
N SER B 225 -34.38 6.98 -17.84
CA SER B 225 -34.26 8.39 -17.51
C SER B 225 -33.01 8.67 -16.68
N ARG B 226 -32.79 7.86 -15.63
CA ARG B 226 -31.63 8.12 -14.79
C ARG B 226 -30.35 7.72 -15.48
N PHE B 227 -30.41 6.84 -16.48
CA PHE B 227 -29.17 6.50 -17.16
C PHE B 227 -28.82 7.56 -18.18
N LEU B 228 -29.83 8.26 -18.70
CA LEU B 228 -29.55 9.40 -19.55
C LEU B 228 -28.94 10.54 -18.75
N LEU B 229 -29.43 10.75 -17.53
CA LEU B 229 -28.82 11.77 -16.67
C LEU B 229 -27.39 11.40 -16.31
N ILE B 230 -27.15 10.12 -16.02
CA ILE B 230 -25.79 9.65 -15.72
C ILE B 230 -24.88 9.86 -16.93
N ALA B 231 -25.36 9.52 -18.13
CA ALA B 231 -24.57 9.70 -19.34
C ALA B 231 -24.23 11.17 -19.55
N LEU B 232 -25.19 12.07 -19.32
CA LEU B 232 -24.92 13.49 -19.52
C LEU B 232 -23.86 13.98 -18.55
N GLY B 233 -23.98 13.62 -17.27
CA GLY B 233 -22.95 14.01 -16.31
C GLY B 233 -21.57 13.46 -16.62
N ALA B 234 -21.50 12.18 -17.01
CA ALA B 234 -20.23 11.59 -17.38
C ALA B 234 -19.63 12.25 -18.61
N GLY B 235 -20.46 12.60 -19.59
CA GLY B 235 -19.96 13.28 -20.77
C GLY B 235 -19.39 14.64 -20.46
N VAL B 236 -20.08 15.41 -19.61
CA VAL B 236 -19.54 16.71 -19.23
C VAL B 236 -18.22 16.56 -18.50
N SER B 237 -18.15 15.62 -17.55
CA SER B 237 -16.90 15.39 -16.83
C SER B 237 -15.77 15.02 -17.78
N LEU B 238 -16.03 14.09 -18.70
CA LEU B 238 -14.98 13.65 -19.62
C LEU B 238 -14.51 14.79 -20.53
N GLY B 239 -15.44 15.58 -21.06
CA GLY B 239 -15.04 16.69 -21.92
C GLY B 239 -14.18 17.70 -21.18
N VAL B 240 -14.62 18.10 -19.97
CA VAL B 240 -13.85 19.05 -19.20
C VAL B 240 -12.46 18.50 -18.88
N ASN B 241 -12.39 17.22 -18.50
CA ASN B 241 -11.09 16.66 -18.12
C ASN B 241 -10.16 16.57 -19.31
N MET B 242 -10.66 16.14 -20.47
CA MET B 242 -9.81 15.83 -21.61
C MET B 242 -9.53 17.03 -22.51
N PHE B 243 -10.20 18.17 -22.34
CA PHE B 243 -9.97 19.29 -23.25
C PHE B 243 -9.37 20.52 -22.56
N ILE B 244 -9.03 20.43 -21.28
CA ILE B 244 -8.43 21.56 -20.59
C ILE B 244 -7.25 21.09 -19.74
N TYR B 245 -6.04 21.25 -20.25
CA TYR B 245 -4.82 20.98 -19.50
C TYR B 245 -4.83 19.57 -18.89
N PRO B 246 -4.84 18.53 -19.72
CA PRO B 246 -4.91 17.16 -19.17
C PRO B 246 -3.61 16.72 -18.52
N ILE B 247 -3.74 15.72 -17.66
CA ILE B 247 -2.60 15.09 -17.00
C ILE B 247 -2.54 13.63 -17.43
N TRP B 248 -1.41 13.21 -17.97
CA TRP B 248 -1.23 11.87 -18.49
C TRP B 248 -0.39 11.02 -17.54
N ALA B 249 -0.69 9.72 -17.52
CA ALA B 249 0.00 8.79 -16.62
C ALA B 249 1.28 8.21 -17.21
N GLY B 250 1.48 8.31 -18.52
CA GLY B 250 2.74 7.90 -19.10
C GLY B 250 3.86 8.89 -18.91
N GLU B 251 3.53 10.19 -18.90
CA GLU B 251 4.55 11.16 -18.51
C GLU B 251 4.85 11.08 -17.03
N ASP B 252 3.97 10.45 -16.25
CA ASP B 252 4.26 10.24 -14.84
C ASP B 252 5.17 9.04 -14.64
N LEU B 253 4.94 7.96 -15.39
CA LEU B 253 5.88 6.84 -15.33
C LEU B 253 7.26 7.27 -15.84
N HIS B 254 7.28 8.02 -16.95
CA HIS B 254 8.53 8.49 -17.52
C HIS B 254 9.28 9.41 -16.56
N ASN B 255 8.56 10.23 -15.78
CA ASN B 255 9.25 11.08 -14.81
C ASN B 255 9.71 10.30 -13.59
N LEU B 256 8.91 9.32 -13.17
CA LEU B 256 9.24 8.53 -12.00
C LEU B 256 10.52 7.74 -12.19
N VAL B 257 10.71 7.17 -13.37
CA VAL B 257 11.95 6.40 -13.62
C VAL B 257 13.18 7.30 -13.43
N VAL B 258 13.16 8.49 -14.02
CA VAL B 258 14.28 9.41 -13.89
C VAL B 258 14.51 9.81 -12.44
N LYS B 259 13.41 10.02 -11.70
CA LYS B 259 13.58 10.38 -10.30
C LYS B 259 14.24 9.27 -9.52
N ASN B 260 13.84 8.02 -9.77
CA ASN B 260 14.49 6.91 -9.06
C ASN B 260 15.97 6.85 -9.42
N PHE B 261 16.29 7.08 -10.71
CA PHE B 261 17.67 7.03 -11.16
C PHE B 261 18.54 8.05 -10.44
N MET B 262 17.96 9.18 -10.05
CA MET B 262 18.76 10.16 -9.32
C MET B 262 18.80 9.89 -7.81
N ASN B 263 17.69 9.43 -7.25
CA ASN B 263 17.64 9.09 -5.84
C ASN B 263 18.67 8.02 -5.49
N VAL B 264 18.83 7.01 -6.35
CA VAL B 264 19.76 5.92 -6.02
C VAL B 264 21.19 6.44 -5.95
N ALA B 265 21.58 7.30 -6.89
CA ALA B 265 22.93 7.84 -6.88
C ALA B 265 23.17 8.71 -5.65
N THR B 266 22.19 9.54 -5.29
CA THR B 266 22.33 10.33 -4.07
C THR B 266 22.50 9.44 -2.85
N SER B 267 21.71 8.36 -2.76
CA SER B 267 21.82 7.46 -1.63
C SER B 267 23.20 6.81 -1.56
N LEU B 268 23.72 6.37 -2.71
CA LEU B 268 25.03 5.72 -2.71
C LEU B 268 26.11 6.66 -2.21
N GLU B 269 26.14 7.88 -2.75
CA GLU B 269 27.16 8.83 -2.31
C GLU B 269 27.02 9.14 -0.82
N GLY B 270 25.78 9.33 -0.36
CA GLY B 270 25.57 9.60 1.05
C GLY B 270 26.06 8.47 1.94
N CYS B 271 25.79 7.23 1.54
CA CYS B 271 26.23 6.08 2.32
C CYS B 271 27.74 6.00 2.40
N VAL B 272 28.43 6.17 1.27
CA VAL B 272 29.88 6.10 1.30
C VAL B 272 30.46 7.20 2.18
N ASN B 273 29.95 8.43 2.02
CA ASN B 273 30.46 9.53 2.82
C ASN B 273 30.18 9.31 4.31
N GLY B 274 29.01 8.77 4.65
CA GLY B 274 28.71 8.50 6.04
C GLY B 274 29.61 7.45 6.64
N TYR B 275 29.92 6.39 5.87
CA TYR B 275 30.81 5.37 6.41
C TYR B 275 32.22 5.91 6.61
N LEU B 276 32.68 6.77 5.70
CA LEU B 276 34.02 7.33 5.85
C LEU B 276 34.08 8.51 6.80
N ARG B 277 32.97 8.88 7.42
CA ARG B 277 32.94 10.06 8.28
C ARG B 277 33.85 9.87 9.49
N CYS B 278 34.51 10.96 9.90
CA CYS B 278 35.41 10.93 11.03
C CYS B 278 34.66 11.18 12.34
N VAL B 298 20.01 9.34 2.00
CA VAL B 298 20.67 8.08 2.31
C VAL B 298 19.64 7.01 2.61
N TYR B 299 18.42 7.45 2.92
CA TYR B 299 17.31 6.56 3.21
C TYR B 299 16.16 6.69 2.22
N LYS B 300 15.75 7.93 1.93
CA LYS B 300 14.61 8.15 1.04
C LYS B 300 14.90 7.62 -0.36
N GLY B 301 16.13 7.77 -0.83
CA GLY B 301 16.48 7.32 -2.17
C GLY B 301 16.15 5.87 -2.43
N TYR B 302 16.85 4.96 -1.75
CA TYR B 302 16.59 3.54 -1.95
C TYR B 302 15.23 3.12 -1.41
N ARG B 303 14.71 3.82 -0.40
CA ARG B 303 13.36 3.50 0.06
C ARG B 303 12.33 3.69 -1.04
N SER B 304 12.43 4.80 -1.77
CA SER B 304 11.49 5.06 -2.85
C SER B 304 11.80 4.20 -4.08
N ALA B 305 13.08 3.90 -4.31
CA ALA B 305 13.44 3.02 -5.41
C ALA B 305 13.10 1.56 -5.16
N VAL B 306 12.75 1.19 -3.93
CA VAL B 306 12.40 -0.20 -3.62
C VAL B 306 10.93 -0.37 -3.23
N GLU B 307 10.17 0.71 -3.05
CA GLU B 307 8.80 0.63 -2.57
C GLU B 307 7.79 1.23 -3.54
N SER B 308 8.16 1.43 -4.80
CA SER B 308 7.25 2.04 -5.77
C SER B 308 6.85 1.09 -6.90
N THR B 309 7.03 -0.21 -6.71
CA THR B 309 6.69 -1.16 -7.78
C THR B 309 5.20 -1.11 -8.11
N SER B 310 4.36 -1.00 -7.09
CA SER B 310 2.92 -0.95 -7.33
C SER B 310 2.54 0.35 -8.03
N GLN B 311 3.23 1.44 -7.72
CA GLN B 311 2.93 2.69 -8.40
C GLN B 311 3.25 2.58 -9.89
N GLU B 312 4.40 1.99 -10.21
CA GLU B 312 4.83 1.80 -11.59
C GLU B 312 4.01 0.75 -12.32
N GLU B 313 3.24 -0.07 -11.60
CA GLU B 313 2.33 -0.98 -12.28
C GLU B 313 0.94 -0.39 -12.46
N SER B 314 0.47 0.38 -11.48
CA SER B 314 -0.81 1.07 -11.62
C SER B 314 -0.74 2.13 -12.72
N LEU B 315 0.34 2.92 -12.76
CA LEU B 315 0.47 3.92 -13.81
C LEU B 315 0.54 3.26 -15.18
N MET B 316 1.18 2.10 -15.26
CA MET B 316 1.27 1.38 -16.54
C MET B 316 -0.08 0.80 -16.95
N SER B 317 -0.90 0.37 -15.99
CA SER B 317 -2.24 -0.08 -16.34
C SER B 317 -3.18 1.07 -16.68
N PHE B 318 -2.90 2.28 -16.17
CA PHE B 318 -3.66 3.45 -16.60
C PHE B 318 -3.22 3.96 -17.97
N ALA B 319 -1.94 3.83 -18.31
CA ALA B 319 -1.40 4.39 -19.54
C ALA B 319 -1.72 3.59 -20.78
N ILE B 320 -2.32 2.40 -20.63
CA ILE B 320 -2.70 1.60 -21.80
C ILE B 320 -4.00 2.07 -22.43
N TRP B 321 -4.78 2.89 -21.72
CA TRP B 321 -6.06 3.37 -22.21
C TRP B 321 -5.94 4.66 -23.02
N GLU B 322 -4.86 5.42 -22.83
CA GLU B 322 -4.69 6.76 -23.37
C GLU B 322 -4.27 6.72 -24.83
N PRO B 323 -4.83 7.60 -25.67
CA PRO B 323 -4.47 7.62 -27.09
C PRO B 323 -3.12 8.27 -27.31
N PRO B 324 -2.55 8.13 -28.51
CA PRO B 324 -1.25 8.74 -28.79
C PRO B 324 -1.29 10.26 -28.61
N HIS B 325 -0.17 10.81 -28.14
CA HIS B 325 -0.07 12.23 -27.85
C HIS B 325 1.39 12.59 -27.64
N GLY B 326 1.75 13.81 -28.00
CA GLY B 326 3.07 14.34 -27.78
C GLY B 326 4.18 13.48 -28.37
N PRO B 327 5.27 13.31 -27.61
CA PRO B 327 6.40 12.52 -28.14
C PRO B 327 6.06 11.05 -28.33
N TYR B 328 5.10 10.52 -27.57
CA TYR B 328 4.80 9.09 -27.59
C TYR B 328 3.79 8.84 -28.70
N LYS B 329 4.29 8.81 -29.93
CA LYS B 329 3.47 8.62 -31.12
C LYS B 329 3.57 7.15 -31.54
N SER B 330 2.55 6.38 -31.19
CA SER B 330 2.48 4.98 -31.58
C SER B 330 1.17 4.36 -31.08
N PHE B 331 0.69 3.33 -31.77
CA PHE B 331 -0.58 2.72 -31.39
C PHE B 331 -0.41 1.85 -30.14
N ASN B 332 0.72 1.15 -30.03
CA ASN B 332 1.04 0.33 -28.87
C ASN B 332 2.44 0.71 -28.38
N TYR B 333 2.50 1.71 -27.51
CA TYR B 333 3.78 2.11 -26.94
C TYR B 333 4.28 1.07 -25.95
N PRO B 334 5.57 0.74 -25.95
CA PRO B 334 6.14 -0.24 -25.00
C PRO B 334 6.34 0.31 -23.59
N TRP B 335 5.24 0.36 -22.83
CA TRP B 335 5.30 0.83 -21.45
C TRP B 335 5.90 -0.20 -20.50
N LYS B 336 6.11 -1.44 -20.96
CA LYS B 336 6.62 -2.50 -20.10
C LYS B 336 8.14 -2.49 -19.98
N ASN B 337 8.84 -1.98 -20.99
CA ASN B 337 10.30 -1.87 -20.90
C ASN B 337 10.73 -0.88 -19.81
N TYR B 338 9.91 0.15 -19.56
CA TYR B 338 10.17 1.02 -18.41
C TYR B 338 10.12 0.24 -17.10
N VAL B 339 9.13 -0.65 -16.96
CA VAL B 339 9.03 -1.46 -15.74
C VAL B 339 10.21 -2.42 -15.63
N LYS B 340 10.63 -2.99 -16.76
CA LYS B 340 11.80 -3.87 -16.74
C LYS B 340 13.05 -3.12 -16.28
N LEU B 341 13.25 -1.90 -16.79
CA LEU B 341 14.38 -1.09 -16.36
C LEU B 341 14.28 -0.75 -14.87
N SER B 342 13.08 -0.42 -14.39
CA SER B 342 12.93 -0.11 -12.97
C SER B 342 13.27 -1.31 -12.09
N GLY B 343 12.86 -2.51 -12.51
CA GLY B 343 13.23 -3.70 -11.76
C GLY B 343 14.73 -3.94 -11.76
N ALA B 344 15.37 -3.74 -12.91
CA ALA B 344 16.82 -3.87 -12.98
C ALA B 344 17.51 -2.89 -12.04
N LEU B 345 16.96 -1.68 -11.91
CA LEU B 345 17.53 -0.71 -10.96
C LEU B 345 17.29 -1.11 -9.52
N LYS B 346 16.12 -1.70 -9.22
CA LYS B 346 15.81 -2.09 -7.85
C LYS B 346 16.73 -3.21 -7.38
N HIS B 347 17.06 -4.14 -8.29
CA HIS B 347 18.02 -5.18 -7.94
C HIS B 347 19.35 -4.59 -7.50
N CYS B 348 19.75 -3.47 -8.09
CA CYS B 348 20.98 -2.79 -7.66
C CYS B 348 20.76 -2.06 -6.33
N ALA B 349 19.60 -1.44 -6.17
CA ALA B 349 19.34 -0.67 -4.95
C ALA B 349 19.32 -1.54 -3.70
N PHE B 350 19.05 -2.85 -3.85
CA PHE B 350 19.08 -3.72 -2.68
C PHE B 350 20.45 -3.70 -1.98
N THR B 351 21.54 -3.78 -2.76
CA THR B 351 22.85 -3.80 -2.13
C THR B 351 23.20 -2.46 -1.50
N VAL B 352 22.68 -1.36 -2.05
CA VAL B 352 22.87 -0.06 -1.40
C VAL B 352 22.14 -0.03 -0.07
N MET B 353 20.95 -0.63 -0.01
CA MET B 353 20.25 -0.74 1.27
C MET B 353 21.08 -1.55 2.27
N ALA B 354 21.69 -2.63 1.82
CA ALA B 354 22.56 -3.42 2.71
C ALA B 354 23.76 -2.61 3.19
N LEU B 355 24.36 -1.82 2.29
CA LEU B 355 25.48 -0.96 2.69
C LEU B 355 25.06 0.07 3.72
N HIS B 356 23.86 0.65 3.56
CA HIS B 356 23.35 1.54 4.60
C HIS B 356 23.13 0.80 5.91
N GLY B 357 22.64 -0.44 5.83
CA GLY B 357 22.45 -1.22 7.04
C GLY B 357 23.75 -1.48 7.79
N CYS B 358 24.86 -1.64 7.05
CA CYS B 358 26.15 -1.87 7.69
C CYS B 358 26.55 -0.72 8.63
N ILE B 359 26.02 0.48 8.42
CA ILE B 359 26.37 1.61 9.28
C ILE B 359 25.69 1.54 10.64
N LEU B 360 24.49 0.94 10.72
CA LEU B 360 23.73 0.88 11.95
C LEU B 360 24.03 -0.36 12.78
N SER B 361 25.04 -1.14 12.41
CA SER B 361 25.29 -2.42 13.07
C SER B 361 25.78 -2.20 14.50
N GLU B 362 25.56 -3.22 15.34
CA GLU B 362 26.08 -3.20 16.70
C GLU B 362 27.59 -3.30 16.74
N ILE B 363 28.17 -4.08 15.83
CA ILE B 363 29.62 -4.30 15.79
C ILE B 363 30.21 -3.42 14.68
N GLN B 364 31.21 -2.62 15.04
CA GLN B 364 31.85 -1.71 14.09
C GLN B 364 33.36 -1.74 14.30
N ALA B 365 34.09 -1.38 13.21
CA ALA B 365 35.54 -1.44 13.13
C ALA B 365 36.18 -0.11 13.54
N PRO B 366 37.42 -0.16 14.03
CA PRO B 366 38.08 1.08 14.47
C PRO B 366 38.31 2.03 13.31
N GLU B 367 38.26 3.34 13.62
CA GLU B 367 38.35 4.36 12.58
C GLU B 367 39.71 4.35 11.90
N GLU B 368 40.79 4.25 12.68
CA GLU B 368 42.13 4.33 12.10
C GLU B 368 42.36 3.23 11.08
N ARG B 369 41.71 2.08 11.25
CA ARG B 369 41.83 1.00 10.28
C ARG B 369 40.98 1.26 9.04
N ARG B 370 39.84 1.92 9.19
CA ARG B 370 39.05 2.31 8.03
C ARG B 370 39.80 3.32 7.17
N GLN B 371 40.50 4.26 7.81
CA GLN B 371 41.12 5.36 7.07
C GLN B 371 42.16 4.89 6.06
N VAL B 372 42.67 3.66 6.18
CA VAL B 372 43.68 3.18 5.25
C VAL B 372 43.12 3.03 3.83
N PHE B 373 41.82 2.79 3.70
CA PHE B 373 41.21 2.48 2.41
C PHE B 373 40.35 3.63 1.87
N ARG B 374 40.65 4.87 2.27
CA ARG B 374 39.73 5.97 2.02
C ARG B 374 39.59 6.28 0.53
N GLN B 375 40.71 6.45 -0.17
CA GLN B 375 40.66 6.90 -1.56
C GLN B 375 40.04 5.87 -2.48
N GLU B 376 40.42 4.60 -2.31
CA GLU B 376 39.84 3.53 -3.12
C GLU B 376 38.34 3.41 -2.87
N LEU B 377 37.91 3.60 -1.62
CA LEU B 377 36.48 3.55 -1.32
C LEU B 377 35.73 4.73 -1.94
N GLN B 378 36.36 5.91 -1.98
CA GLN B 378 35.66 7.08 -2.50
C GLN B 378 35.58 7.09 -4.02
N ARG B 379 36.61 6.56 -4.70
CA ARG B 379 36.59 6.57 -6.17
C ARG B 379 35.44 5.76 -6.72
N VAL B 380 35.15 4.61 -6.11
CA VAL B 380 34.07 3.75 -6.59
C VAL B 380 32.73 4.48 -6.48
N GLY B 381 32.49 5.14 -5.34
CA GLY B 381 31.24 5.87 -5.18
C GLY B 381 31.12 7.00 -6.17
N VAL B 382 32.20 7.76 -6.37
CA VAL B 382 32.17 8.86 -7.34
C VAL B 382 31.79 8.35 -8.72
N GLU B 383 32.48 7.28 -9.17
CA GLU B 383 32.22 6.77 -10.52
C GLU B 383 30.82 6.20 -10.65
N GLY B 384 30.34 5.49 -9.62
CA GLY B 384 29.00 4.95 -9.68
C GLY B 384 27.94 6.03 -9.77
N ALA B 385 28.08 7.08 -8.96
CA ALA B 385 27.14 8.19 -9.03
C ALA B 385 27.16 8.84 -10.41
N LYS B 386 28.36 9.06 -10.96
CA LYS B 386 28.45 9.68 -12.27
C LYS B 386 27.76 8.84 -13.34
N LEU B 387 27.98 7.52 -13.30
CA LEU B 387 27.37 6.63 -14.28
C LEU B 387 25.85 6.63 -14.16
N LEU B 388 25.33 6.55 -12.93
CA LEU B 388 23.89 6.53 -12.75
C LEU B 388 23.25 7.83 -13.22
N ARG B 389 23.89 8.97 -12.92
CA ARG B 389 23.36 10.24 -13.40
C ARG B 389 23.41 10.35 -14.91
N GLU B 390 24.47 9.83 -15.54
CA GLU B 390 24.52 9.82 -17.00
C GLU B 390 23.38 8.99 -17.58
N LEU B 391 23.11 7.82 -17.01
CA LEU B 391 22.02 7.00 -17.52
C LEU B 391 20.68 7.69 -17.33
N GLY B 392 20.47 8.33 -16.18
CA GLY B 392 19.23 9.07 -15.97
C GLY B 392 19.05 10.19 -16.97
N GLU B 393 20.11 10.96 -17.23
CA GLU B 393 20.03 12.05 -18.19
C GLU B 393 19.74 11.53 -19.59
N LYS B 394 20.35 10.41 -19.97
CA LYS B 394 20.08 9.87 -21.31
C LYS B 394 18.67 9.32 -21.42
N VAL B 395 18.13 8.75 -20.34
CA VAL B 395 16.73 8.33 -20.36
C VAL B 395 15.81 9.53 -20.50
N LYS B 396 16.14 10.64 -19.82
CA LYS B 396 15.25 11.80 -19.83
C LYS B 396 15.08 12.38 -21.22
N LYS B 397 16.18 12.50 -21.98
CA LYS B 397 16.14 13.12 -23.30
C LYS B 397 15.82 12.15 -24.42
N MET B 398 15.59 10.87 -24.12
CA MET B 398 15.24 9.87 -25.12
C MET B 398 16.31 9.79 -26.21
N GLU B 399 17.52 9.43 -25.78
CA GLU B 399 18.69 9.43 -26.64
C GLU B 399 19.42 8.09 -26.50
N LYS B 400 20.01 7.65 -27.60
CA LYS B 400 20.74 6.39 -27.60
C LYS B 400 22.15 6.58 -27.05
N LEU B 401 22.71 5.50 -26.52
CA LEU B 401 24.07 5.51 -26.01
C LEU B 401 25.07 5.65 -27.14
N GLY B 402 26.17 6.36 -26.86
CA GLY B 402 27.21 6.55 -27.84
C GLY B 402 28.03 5.29 -28.05
N PRO B 403 29.20 5.43 -28.68
CA PRO B 403 30.02 4.26 -28.98
C PRO B 403 31.00 3.89 -27.86
N VAL B 404 31.35 4.86 -27.01
CA VAL B 404 32.30 4.58 -25.94
C VAL B 404 31.67 3.71 -24.87
N ASP B 405 32.53 2.98 -24.14
CA ASP B 405 32.08 2.13 -23.05
C ASP B 405 31.91 2.95 -21.78
N LEU B 406 30.74 2.83 -21.16
CA LEU B 406 30.42 3.61 -19.97
C LEU B 406 30.88 2.96 -18.67
N LEU B 407 31.33 1.71 -18.70
CA LEU B 407 31.68 0.98 -17.49
C LEU B 407 33.18 0.76 -17.35
N PHE B 408 34.01 1.53 -18.06
CA PHE B 408 35.45 1.33 -18.02
C PHE B 408 36.06 1.85 -16.73
N GLU B 409 35.72 3.08 -16.35
CA GLU B 409 36.33 3.70 -15.17
C GLU B 409 35.93 2.97 -13.89
N VAL B 410 34.66 2.58 -13.77
CA VAL B 410 34.19 1.94 -12.56
C VAL B 410 34.85 0.56 -12.41
N HIS B 411 34.98 -0.18 -13.51
CA HIS B 411 35.68 -1.47 -13.46
C HIS B 411 37.13 -1.28 -13.06
N LEU B 412 37.79 -0.23 -13.57
CA LEU B 412 39.17 0.00 -13.20
C LEU B 412 39.28 0.34 -11.72
N ALA B 413 38.35 1.15 -11.20
CA ALA B 413 38.38 1.49 -9.78
C ALA B 413 38.15 0.25 -8.92
N ALA B 414 37.23 -0.62 -9.34
CA ALA B 414 37.00 -1.86 -8.59
C ALA B 414 38.25 -2.73 -8.56
N GLU B 415 38.95 -2.82 -9.69
CA GLU B 415 40.18 -3.60 -9.73
C GLU B 415 41.25 -3.01 -8.81
N GLU B 416 41.37 -1.68 -8.81
CA GLU B 416 42.32 -1.03 -7.90
C GLU B 416 41.97 -1.28 -6.44
N LEU B 417 40.68 -1.19 -6.10
CA LEU B 417 40.25 -1.50 -4.73
C LEU B 417 40.60 -2.93 -4.35
N GLN B 418 40.37 -3.88 -5.27
CA GLN B 418 40.69 -5.27 -4.95
C GLN B 418 42.19 -5.45 -4.72
N HIS B 419 43.02 -4.81 -5.56
CA HIS B 419 44.46 -4.89 -5.33
C HIS B 419 44.84 -4.30 -3.98
N LYS B 420 44.25 -3.16 -3.62
CA LYS B 420 44.55 -2.55 -2.35
C LYS B 420 44.18 -3.46 -1.19
N ILE B 421 43.00 -4.08 -1.26
CA ILE B 421 42.59 -4.99 -0.20
C ILE B 421 43.54 -6.18 -0.12
N ASP B 422 43.93 -6.72 -1.27
CA ASP B 422 44.85 -7.86 -1.28
C ASP B 422 46.19 -7.50 -0.66
N LYS B 423 46.63 -6.25 -0.82
CA LYS B 423 47.95 -5.86 -0.31
C LYS B 423 47.96 -5.78 1.22
N LYS B 424 46.87 -5.32 1.83
CA LYS B 424 46.82 -5.06 3.26
C LYS B 424 45.85 -5.98 4.00
N SER B 425 45.73 -7.23 3.55
CA SER B 425 44.75 -8.14 4.12
C SER B 425 45.05 -8.48 5.58
N TYR B 426 46.27 -8.26 6.06
CA TYR B 426 46.63 -8.67 7.41
C TYR B 426 45.95 -7.84 8.48
N LEU B 427 45.29 -6.74 8.12
CA LEU B 427 44.51 -5.96 9.08
C LEU B 427 43.08 -6.47 9.24
N LEU B 428 42.65 -7.42 8.42
CA LEU B 428 41.30 -7.98 8.52
C LEU B 428 41.24 -9.25 9.34
N VAL B 429 42.33 -10.00 9.43
CA VAL B 429 42.38 -11.25 10.16
C VAL B 429 43.54 -11.18 11.16
N ASN B 430 43.71 -12.27 11.92
CA ASN B 430 44.82 -12.42 12.86
C ASN B 430 45.48 -13.76 12.61
N SER B 431 46.77 -13.73 12.28
CA SER B 431 47.48 -14.95 11.93
C SER B 431 48.08 -15.69 13.11
N GLU B 432 48.14 -15.04 14.26
CA GLU B 432 48.74 -15.66 15.42
C GLU B 432 48.09 -17.00 15.72
N CYS B 433 46.82 -17.16 15.37
CA CYS B 433 46.09 -18.38 15.69
C CYS B 433 45.98 -19.36 14.53
N TRP B 434 46.75 -19.15 13.48
CA TRP B 434 46.61 -20.00 12.30
C TRP B 434 46.92 -21.45 12.60
N GLU B 435 46.13 -22.36 12.06
CA GLU B 435 46.36 -23.79 12.27
C GLU B 435 45.88 -24.60 11.06
N LYS B 527 39.51 -12.56 22.92
CA LYS B 527 38.10 -12.20 22.79
C LYS B 527 37.63 -12.36 21.35
N THR B 528 36.31 -12.24 21.15
CA THR B 528 35.72 -12.32 19.81
C THR B 528 35.20 -10.98 19.29
N TYR B 529 34.93 -10.02 20.17
CA TYR B 529 34.38 -8.75 19.73
C TYR B 529 35.34 -8.00 18.81
N GLU B 530 36.63 -7.96 19.17
CA GLU B 530 37.59 -7.25 18.34
C GLU B 530 37.81 -7.97 17.02
N SER B 531 37.78 -9.31 17.02
CA SER B 531 37.88 -10.05 15.76
C SER B 531 36.70 -9.75 14.86
N ALA B 532 35.49 -9.71 15.42
CA ALA B 532 34.31 -9.38 14.61
C ALA B 532 34.40 -7.96 14.07
N SER B 533 34.85 -7.02 14.90
CA SER B 533 35.02 -5.65 14.43
C SER B 533 36.01 -5.58 13.27
N ALA B 534 37.13 -6.30 13.39
CA ALA B 534 38.11 -6.31 12.32
C ALA B 534 37.52 -6.91 11.04
N LEU B 535 36.75 -7.99 11.17
CA LEU B 535 36.16 -8.64 10.00
C LEU B 535 35.02 -7.83 9.40
N SER B 536 34.45 -6.86 10.12
CA SER B 536 33.30 -6.14 9.60
C SER B 536 33.61 -5.19 8.44
N LEU B 537 34.89 -4.92 8.14
CA LEU B 537 35.22 -4.02 7.05
C LEU B 537 35.26 -4.73 5.70
N ALA B 538 35.67 -6.01 5.70
CA ALA B 538 35.59 -6.82 4.48
C ALA B 538 34.15 -6.91 3.99
N THR B 539 33.17 -6.90 4.89
CA THR B 539 31.78 -6.92 4.46
C THR B 539 31.45 -5.70 3.62
N PHE B 540 31.86 -4.51 4.09
CA PHE B 540 31.61 -3.28 3.34
C PHE B 540 32.29 -3.33 1.97
N ALA B 541 33.57 -3.73 1.95
CA ALA B 541 34.28 -3.77 0.67
C ALA B 541 33.64 -4.75 -0.30
N SER B 542 33.27 -5.94 0.19
CA SER B 542 32.66 -6.95 -0.66
C SER B 542 31.32 -6.48 -1.19
N LEU B 543 30.53 -5.80 -0.36
CA LEU B 543 29.24 -5.28 -0.83
C LEU B 543 29.43 -4.23 -1.92
N LEU B 544 30.43 -3.37 -1.77
CA LEU B 544 30.70 -2.39 -2.82
C LEU B 544 31.08 -3.08 -4.12
N ILE B 545 31.95 -4.09 -4.05
CA ILE B 545 32.34 -4.81 -5.27
C ILE B 545 31.14 -5.52 -5.89
N GLU B 546 30.25 -6.05 -5.06
CA GLU B 546 29.04 -6.70 -5.59
C GLU B 546 28.15 -5.69 -6.32
N PHE B 547 28.02 -4.48 -5.77
CA PHE B 547 27.24 -3.44 -6.44
C PHE B 547 27.83 -3.14 -7.82
N VAL B 548 29.15 -2.96 -7.87
CA VAL B 548 29.80 -2.71 -9.16
C VAL B 548 29.55 -3.86 -10.11
N ALA B 549 29.56 -5.10 -9.60
CA ALA B 549 29.32 -6.26 -10.45
C ALA B 549 27.88 -6.26 -10.99
N ARG B 550 26.92 -5.85 -10.17
CA ARG B 550 25.52 -5.84 -10.57
C ARG B 550 25.16 -4.70 -11.51
N LEU B 551 26.01 -3.68 -11.63
CA LEU B 551 25.65 -2.53 -12.45
C LEU B 551 25.30 -2.88 -13.91
N GLN B 552 25.82 -3.98 -14.44
CA GLN B 552 25.79 -4.19 -15.90
C GLN B 552 24.42 -4.59 -16.44
N ASN B 553 23.59 -5.27 -15.63
CA ASN B 553 22.25 -5.62 -16.08
C ASN B 553 21.41 -4.38 -16.36
N VAL B 554 21.62 -3.30 -15.62
CA VAL B 554 20.87 -2.08 -15.85
C VAL B 554 21.20 -1.50 -17.23
N VAL B 555 22.48 -1.54 -17.61
CA VAL B 555 22.86 -1.06 -18.93
C VAL B 555 22.28 -1.95 -20.01
N ASP B 556 22.25 -3.27 -19.78
CA ASP B 556 21.62 -4.17 -20.74
C ASP B 556 20.14 -3.81 -20.94
N ALA B 557 19.43 -3.61 -19.83
CA ALA B 557 18.01 -3.26 -19.92
C ALA B 557 17.81 -1.92 -20.63
N PHE B 558 18.66 -0.94 -20.34
CA PHE B 558 18.55 0.34 -21.02
C PHE B 558 18.73 0.19 -22.52
N LYS B 559 19.73 -0.60 -22.94
CA LYS B 559 19.93 -0.82 -24.36
C LYS B 559 18.70 -1.46 -25.00
N GLU B 560 18.12 -2.46 -24.34
CA GLU B 560 16.93 -3.10 -24.88
C GLU B 560 15.78 -2.12 -25.02
N LEU B 561 15.55 -1.30 -23.99
CA LEU B 561 14.46 -0.33 -24.05
C LEU B 561 14.70 0.70 -25.16
N SER B 562 15.91 1.23 -25.26
CA SER B 562 16.21 2.21 -26.31
C SER B 562 16.11 1.61 -27.69
N GLN B 563 16.28 0.29 -27.81
CA GLN B 563 16.00 -0.37 -29.09
C GLN B 563 14.50 -0.46 -29.35
N LYS B 564 13.73 -0.87 -28.35
CA LYS B 564 12.31 -1.10 -28.57
C LYS B 564 11.57 0.18 -28.95
N ALA B 565 11.88 1.28 -28.28
CA ALA B 565 11.35 2.60 -28.63
C ALA B 565 12.39 3.36 -29.43
N ASN B 566 11.94 4.04 -30.48
CA ASN B 566 12.89 4.70 -31.38
C ASN B 566 13.51 5.91 -30.70
N PHE B 567 14.64 5.70 -30.04
CA PHE B 567 15.36 6.80 -29.39
C PHE B 567 16.25 7.51 -30.41
N LYS B 568 16.39 8.82 -30.25
CA LYS B 568 17.14 9.60 -31.22
C LYS B 568 18.62 9.26 -31.14
N GLU B 569 19.28 9.22 -32.30
CA GLU B 569 20.71 8.98 -32.32
C GLU B 569 21.46 10.12 -31.63
N PRO B 570 22.54 9.84 -30.92
CA PRO B 570 23.20 10.89 -30.13
C PRO B 570 23.66 12.02 -31.03
N GLU B 571 23.59 13.24 -30.48
CA GLU B 571 24.05 14.43 -31.21
C GLU B 571 25.52 14.32 -31.58
C10 A1L2F C . -24.35 8.95 5.92
C13 A1L2F C . -25.50 7.47 3.44
C15 A1L2F C . -27.31 7.04 1.72
C17 A1L2F C . -28.74 7.92 -0.16
C21 A1L2F C . -27.22 10.34 -0.95
C02 A1L2F C . -25.40 5.91 13.76
C04 A1L2F C . -23.68 7.18 12.41
C06 A1L2F C . -23.78 6.94 9.91
C08 A1L2F C . -23.01 8.38 8.00
C11 A1L2F C . -23.62 7.95 5.05
C12 A1L2F C . -24.09 7.99 3.60
C16 A1L2F C . -27.57 7.04 0.22
C18 A1L2F C . -28.57 8.50 -1.57
C23 A1L2F C . -24.76 10.02 -0.67
C01 A1L2F C . -26.91 5.72 13.97
C03 A1L2F C . -25.09 7.19 12.99
C05 A1L2F C . -23.62 7.90 11.07
C07 A1L2F C . -24.19 7.66 8.64
C09 A1L2F C . -23.47 9.48 7.04
C14 A1L2F C . -26.08 7.86 2.08
C22 A1L2F C . -25.84 10.92 -1.27
C29 A1L2F C . -22.27 6.33 -2.93
C30 A1L2F C . -22.17 6.72 -4.39
C31 A1L2F C . -21.93 5.47 -5.25
C32 A1L2F C . -20.58 4.82 -4.94
C33 A1L2F C . -19.99 5.27 -3.59
C34 A1L2F C . -21.08 5.46 -2.50
C45 A1L2F C . -26.18 12.41 0.54
C47 A1L2F C . -27.44 13.25 0.78
C48 A1L2F C . -27.82 13.35 2.26
C49 A1L2F C . -28.78 14.49 2.52
C50 A1L2F C . -29.21 14.47 3.99
C51 A1L2F C . -28.78 15.74 4.72
C52 A1L2F C . -28.67 15.56 6.23
C53 A1L2F C . -28.17 16.82 6.89
C54 A1L2F C . -28.81 17.07 8.26
C55 A1L2F C . -27.92 17.94 9.14
C56 A1L2F C . -28.65 19.18 9.63
C57 A1L2F C . -27.67 20.31 9.93
C58 A1L2F C . -28.36 21.48 10.63
C59 A1L2F C . -27.77 21.76 12.00
C60 A1L2F C . -27.83 23.24 12.35
C61 A1L2F C . -26.76 24.05 11.61
C62 A1L2F C . -27.30 25.39 11.14
C63 A1L2F C . -28.16 25.26 9.88
C64 A1L2F C . -28.85 26.57 9.52
O19 A1L2F C . -29.37 8.22 -2.40
O20 A1L2F C . -27.50 9.33 -1.89
O24 A1L2F C . -24.52 8.96 -1.54
O26 A1L2F C . -22.93 8.09 0.27
O27 A1L2F C . -24.37 6.47 -0.89
O28 A1L2F C . -22.33 7.48 -2.14
O35 A1L2F C . -20.46 6.09 -1.40
O36 A1L2F C . -19.30 6.49 -3.77
O37 A1L2F C . -19.65 5.11 -5.94
O39 A1L2F C . -17.70 4.23 -7.42
O40 A1L2F C . -17.22 4.87 -5.10
O41 A1L2F C . -18.52 2.83 -5.58
O42 A1L2F C . -21.97 5.81 -6.62
O43 A1L2F C . -23.37 7.36 -4.77
O44 A1L2F C . -25.72 12.21 -0.77
O46 A1L2F C . -25.60 11.93 1.46
P25 A1L2F C . -23.55 7.72 -1.05
P38 A1L2F C . -18.24 4.25 -6.01
H101 A1L2F C . -25.23 8.49 6.34
H102 A1L2F C . -24.66 9.79 5.31
H131 A1L2F C . -26.13 7.89 4.22
H132 A1L2F C . -25.49 6.39 3.53
H151 A1L2F C . -28.18 7.46 2.23
H152 A1L2F C . -27.17 6.02 2.06
H171 A1L2F C . -28.82 8.74 0.55
H172 A1L2F C . -29.66 7.34 -0.13
H212 A1L2F C . -27.98 11.11 -1.03
H211 A1L2F C . -27.21 9.94 0.05
H022 A1L2F C . -24.92 5.96 14.73
H021 A1L2F C . -25.02 5.07 13.21
H041 A1L2F C . -23.00 7.66 13.11
H042 A1L2F C . -23.36 6.15 12.27
H061 A1L2F C . -24.53 6.21 10.17
H062 A1L2F C . -22.83 6.43 9.73
H081 A1L2F C . -22.42 7.65 7.44
H082 A1L2F C . -22.39 8.81 8.77
H111 A1L2F C . -22.56 8.17 5.09
H112 A1L2F C . -23.79 6.95 5.44
H122 A1L2F C . -23.42 7.40 2.99
H121 A1L2F C . -24.06 9.02 3.25
H162 A1L2F C . -27.77 6.02 -0.10
H161 A1L2F C . -26.69 7.41 -0.28
H232 A1L2F C . -23.85 10.59 -0.52
H231 A1L2F C . -25.12 9.63 0.28
H012 A1L2F C . -27.15 5.93 15.01
H013 A1L2F C . -27.17 4.69 13.74
H011 A1L2F C . -27.45 6.39 13.32
H031 A1L2F C . -25.80 7.29 12.17
H032 A1L2F C . -25.20 8.04 13.65
H052 A1L2F C . -22.65 8.40 10.98
H051 A1L2F C . -24.40 8.64 11.03
H071 A1L2F C . -24.59 6.94 7.93
H072 A1L2F C . -24.96 8.39 8.87
H092 A1L2F C . -22.59 9.95 6.62
H091 A1L2F C . -24.03 10.22 7.62
H141 A1L2F C . -25.32 7.70 1.33
H142 A1L2F C . -26.35 8.91 2.09
H221 A1L2F C . -25.72 10.94 -2.35
H291 A1L2F C . -23.17 5.74 -2.80
H301 A1L2F C . -21.36 7.42 -4.53
H311 A1L2F C . -22.71 4.76 -5.04
H321 A1L2F C . -20.73 3.75 -4.89
H331 A1L2F C . -19.30 4.52 -3.25
H341 A1L2F C . -21.44 4.49 -2.19
H472 A1L2F C . -28.26 12.82 0.23
H471 A1L2F C . -27.26 14.26 0.41
H482 A1L2F C . -26.93 13.50 2.84
H481 A1L2F C . -28.29 12.42 2.55
H492 A1L2F C . -29.66 14.40 1.88
H491 A1L2F C . -28.29 15.43 2.31
H502 A1L2F C . -28.76 13.62 4.47
H501 A1L2F C . -30.29 14.39 4.05
H512 A1L2F C . -27.81 16.05 4.35
H511 A1L2F C . -29.50 16.52 4.52
H521 A1L2F C . -29.66 15.31 6.63
H522 A1L2F C . -27.99 14.75 6.44
H531 A1L2F C . -28.40 17.66 6.24
H532 A1L2F C . -27.10 16.75 7.01
H542 A1L2F C . -29.77 17.56 8.12
H541 A1L2F C . -28.97 16.12 8.74
H552 A1L2F C . -27.05 18.25 8.58
H551 A1L2F C . -27.60 17.36 10.00
H562 A1L2F C . -29.20 18.94 10.53
H561 A1L2F C . -29.34 19.52 8.87
H572 A1L2F C . -27.24 20.66 9.00
H571 A1L2F C . -26.87 19.93 10.56
H582 A1L2F C . -29.41 21.25 10.73
H581 A1L2F C . -28.25 22.36 10.01
H592 A1L2F C . -28.32 21.20 12.75
H591 A1L2F C . -26.73 21.45 12.02
H601 A1L2F C . -28.81 23.63 12.08
H602 A1L2F C . -27.69 23.36 13.42
H611 A1L2F C . -26.43 23.48 10.76
H612 A1L2F C . -25.92 24.21 12.28
H621 A1L2F C . -26.46 26.05 10.91
H622 A1L2F C . -27.89 25.83 11.93
H631 A1L2F C . -28.92 24.50 10.06
H632 A1L2F C . -27.53 24.95 9.06
H642 A1L2F C . -28.76 27.26 10.35
H643 A1L2F C . -29.89 26.39 9.31
H641 A1L2F C . -28.37 26.99 8.65
H351 A1L2F C . -20.81 6.96 -1.29
H361 A1L2F C . -19.51 7.07 -3.07
H421 A1L2F C . -21.58 6.66 -6.74
H431 A1L2F C . -23.49 7.26 -5.70
C1 MLT D . -33.90 11.27 -4.87
O1 MLT D . -33.91 12.03 -5.86
O2 MLT D . -34.29 11.70 -3.75
C2 MLT D . -33.40 9.83 -5.00
O3 MLT D . -34.46 8.95 -4.80
C3 MLT D . -32.31 9.57 -3.97
C4 MLT D . -30.95 9.50 -4.66
O4 MLT D . -30.75 8.65 -5.56
O5 MLT D . -30.05 10.31 -4.35
H2 MLT D . -33.00 9.69 -5.99
HO3 MLT D . -34.16 8.06 -4.85
H31 MLT D . -32.30 10.37 -3.24
H32 MLT D . -32.51 8.63 -3.48
C1 PLM E . -30.77 -4.17 -20.49
O1 PLM E . -31.69 -5.00 -20.74
O2 PLM E . -29.57 -4.53 -20.49
C2 PLM E . -31.13 -2.71 -20.19
C3 PLM E . -30.88 -2.41 -18.72
C4 PLM E . -30.53 -0.94 -18.56
C5 PLM E . -30.76 -0.49 -17.11
C6 PLM E . -29.71 0.54 -16.74
C7 PLM E . -30.09 1.23 -15.43
C8 PLM E . -28.83 1.68 -14.70
C9 PLM E . -29.01 3.08 -14.14
CA PLM E . -30.09 3.08 -13.06
CB PLM E . -29.66 3.99 -11.90
CC PLM E . -28.84 3.17 -10.91
CD PLM E . -27.85 4.07 -10.17
CE PLM E . -27.78 3.68 -8.69
CF PLM E . -28.73 4.56 -7.88
CG PLM E . -28.47 4.36 -6.40
H21 PLM E . -32.18 -2.55 -20.42
H22 PLM E . -30.52 -2.06 -20.81
H31 PLM E . -30.05 -3.01 -18.36
H32 PLM E . -31.77 -2.64 -18.15
H41 PLM E . -31.16 -0.34 -19.21
H42 PLM E . -29.50 -0.78 -18.82
H51 PLM E . -30.67 -1.36 -16.46
H52 PLM E . -31.75 -0.07 -17.01
H61 PLM E . -29.65 1.30 -17.53
H62 PLM E . -28.75 0.06 -16.64
H71 PLM E . -30.64 0.52 -14.80
H72 PLM E . -30.72 2.08 -15.63
H81 PLM E . -27.99 1.68 -15.39
H82 PLM E . -28.62 0.99 -13.89
H91 PLM E . -29.30 3.76 -14.93
H92 PLM E . -28.08 3.42 -13.72
HA1 PLM E . -30.23 2.06 -12.68
HA2 PLM E . -31.02 3.44 -13.47
HB1 PLM E . -30.54 4.39 -11.41
HB2 PLM E . -29.06 4.81 -12.29
HC1 PLM E . -28.29 2.40 -11.44
HC2 PLM E . -29.51 2.71 -10.20
HD1 PLM E . -28.15 5.11 -10.26
HD2 PLM E . -26.86 3.95 -10.61
HE1 PLM E . -26.76 3.82 -8.34
HE2 PLM E . -28.05 2.64 -8.58
HF1 PLM E . -29.75 4.28 -8.11
HF2 PLM E . -28.57 5.60 -8.14
HG1 PLM E . -28.92 5.17 -5.83
HG2 PLM E . -27.39 4.34 -6.21
HG3 PLM E . -28.90 3.41 -6.07
C1 PLM F . -21.47 6.19 -19.71
O1 PLM F . -21.48 5.20 -20.48
O2 PLM F . -21.01 7.30 -20.10
C2 PLM F . -22.02 6.05 -18.29
C3 PLM F . -20.90 5.70 -17.31
C4 PLM F . -21.48 4.95 -16.12
C5 PLM F . -20.92 5.50 -14.81
C6 PLM F . -21.77 4.98 -13.65
C7 PLM F . -21.34 5.66 -12.36
C8 PLM F . -22.32 5.27 -11.24
C9 PLM F . -22.18 6.25 -10.07
CA PLM F . -23.52 6.93 -9.82
CB PLM F . -23.30 8.20 -9.00
CC PLM F . -24.56 9.07 -9.04
CD PLM F . -25.68 8.40 -8.25
CE PLM F . -26.85 9.39 -8.14
CF PLM F . -27.97 8.81 -7.26
CG PLM F . -27.48 8.63 -5.83
H21 PLM F . -22.48 6.99 -17.99
H22 PLM F . -22.78 5.27 -18.28
H31 PLM F . -20.17 5.08 -17.81
H32 PLM F . -20.41 6.61 -16.98
H41 PLM F . -21.23 3.90 -16.20
H42 PLM F . -22.56 5.06 -16.11
H51 PLM F . -20.96 6.58 -14.82
H52 PLM F . -19.89 5.18 -14.68
H61 PLM F . -22.81 5.18 -13.84
H62 PLM F . -21.61 3.90 -13.55
H71 PLM F . -20.34 5.35 -12.09
H72 PLM F . -21.37 6.74 -12.50
H81 PLM F . -23.33 5.29 -11.63
H82 PLM F . -22.08 4.28 -10.90
H91 PLM F . -21.87 5.71 -9.18
H92 PLM F . -21.43 7.00 -10.31
HA1 PLM F . -23.99 7.20 -10.76
HA2 PLM F . -24.16 6.26 -9.27
HB1 PLM F . -22.47 8.76 -9.41
HB2 PLM F . -23.08 7.93 -7.97
HC1 PLM F . -24.34 10.04 -8.61
HC2 PLM F . -24.87 9.20 -10.07
HD1 PLM F . -26.00 7.50 -8.76
HD2 PLM F . -25.31 8.16 -7.26
HE1 PLM F . -26.50 10.32 -7.71
HE2 PLM F . -27.24 9.57 -9.14
HF1 PLM F . -28.81 9.49 -7.28
HF2 PLM F . -28.26 7.85 -7.66
HG1 PLM F . -26.88 7.73 -5.76
HG2 PLM F . -28.34 8.56 -5.17
HG3 PLM F . -26.88 9.50 -5.54
#